data_4CHK
#
_entry.id   4CHK
#
_cell.length_a   196.264
_cell.length_b   86.438
_cell.length_c   91.371
_cell.angle_alpha   90.00
_cell.angle_beta   112.71
_cell.angle_gamma   90.00
#
_symmetry.space_group_name_H-M   'C 1 2 1'
#
loop_
_entity.id
_entity.type
_entity.pdbx_description
1 polymer 'AUXIN RESPONSE FACTOR 5'
2 water water
#
_entity_poly.entity_id   1
_entity_poly.type   'polypeptide(L)'
_entity_poly.pdbx_seq_one_letter_code
;GAMSKGSSWQKIATPRVRTYTKVQKTGSVGRSIDVTSFKDYEELKSAIECMFGLEGLLTHPQSSGWKLVYVDYESDVLLV
GDDPWEEFVGCVRCIRILSPTEVQQMSEEGMKLLNSAGINDLKTSVS
;
_entity_poly.pdbx_strand_id   A,B,C,D,E,F,G,H
#
# COMPACT_ATOMS: atom_id res chain seq x y z
N ARG A 18 -2.39 -25.66 6.05
CA ARG A 18 -1.73 -24.34 6.01
C ARG A 18 -2.03 -23.40 7.22
N THR A 19 -1.04 -23.24 8.13
CA THR A 19 -1.10 -22.39 9.34
C THR A 19 -0.66 -20.95 9.05
N TYR A 20 0.19 -20.79 8.03
CA TYR A 20 0.79 -19.52 7.68
C TYR A 20 -0.01 -18.81 6.63
N THR A 21 -0.03 -17.49 6.75
CA THR A 21 -0.75 -16.56 5.89
C THR A 21 0.18 -16.03 4.81
N LYS A 22 -0.34 -15.96 3.58
CA LYS A 22 0.43 -15.46 2.45
C LYS A 22 0.37 -13.97 2.41
N VAL A 23 1.53 -13.36 2.14
CA VAL A 23 1.66 -11.90 1.96
C VAL A 23 2.15 -11.71 0.51
N GLN A 24 1.35 -11.03 -0.31
CA GLN A 24 1.72 -10.79 -1.71
C GLN A 24 1.71 -9.31 -2.16
N LYS A 25 2.61 -9.02 -3.13
CA LYS A 25 2.81 -7.72 -3.78
C LYS A 25 3.06 -8.06 -5.25
N THR A 26 2.26 -7.52 -6.18
CA THR A 26 2.42 -7.74 -7.61
C THR A 26 3.84 -7.31 -8.08
N GLY A 27 4.56 -8.27 -8.70
CA GLY A 27 5.91 -8.08 -9.21
C GLY A 27 7.01 -8.46 -8.24
N SER A 28 6.65 -8.87 -7.00
CA SER A 28 7.57 -9.33 -5.96
C SER A 28 7.32 -10.80 -5.67
N VAL A 29 8.33 -11.48 -5.12
CA VAL A 29 8.19 -12.86 -4.67
C VAL A 29 7.38 -12.75 -3.37
N GLY A 30 6.27 -13.49 -3.26
CA GLY A 30 5.42 -13.50 -2.08
C GLY A 30 6.06 -14.14 -0.86
N ARG A 31 5.43 -13.95 0.33
CA ARG A 31 5.92 -14.47 1.61
C ARG A 31 4.81 -15.13 2.42
N SER A 32 5.18 -15.84 3.49
CA SER A 32 4.29 -16.56 4.37
C SER A 32 4.67 -16.23 5.81
N ILE A 33 3.68 -15.76 6.58
CA ILE A 33 3.87 -15.34 7.94
C ILE A 33 2.89 -15.98 8.92
N ASP A 34 3.27 -16.01 10.21
CA ASP A 34 2.43 -16.46 11.32
C ASP A 34 1.85 -15.16 11.90
N VAL A 35 0.74 -14.69 11.33
CA VAL A 35 0.06 -13.42 11.68
C VAL A 35 -0.05 -13.23 13.19
N THR A 36 -0.42 -14.31 13.88
CA THR A 36 -0.62 -14.41 15.32
C THR A 36 0.66 -14.10 16.10
N SER A 37 1.86 -14.40 15.55
CA SER A 37 3.15 -14.15 16.19
C SER A 37 3.41 -12.69 16.42
N PHE A 38 2.94 -11.81 15.50
CA PHE A 38 2.95 -10.35 15.62
C PHE A 38 1.80 -10.19 16.57
N LYS A 39 1.83 -9.30 17.53
CA LYS A 39 0.68 -9.34 18.43
C LYS A 39 -0.30 -8.17 18.24
N ASP A 40 0.03 -7.25 17.28
CA ASP A 40 -0.69 -6.01 16.93
C ASP A 40 -0.48 -5.57 15.45
N TYR A 41 -1.30 -4.64 14.96
CA TYR A 41 -1.22 -4.17 13.56
C TYR A 41 0.01 -3.30 13.28
N GLU A 42 0.52 -2.58 14.29
CA GLU A 42 1.71 -1.77 14.15
C GLU A 42 2.93 -2.65 13.82
N GLU A 43 3.01 -3.78 14.55
CA GLU A 43 4.06 -4.80 14.46
C GLU A 43 3.95 -5.49 13.14
N LEU A 44 2.75 -5.96 12.80
CA LEU A 44 2.45 -6.60 11.52
C LEU A 44 2.85 -5.68 10.33
N LYS A 45 2.19 -4.49 10.21
CA LYS A 45 2.43 -3.50 9.14
C LYS A 45 3.92 -3.15 8.99
N SER A 46 4.61 -2.82 10.11
CA SER A 46 6.06 -2.56 10.07
C SER A 46 6.88 -3.73 9.47
N ALA A 47 6.72 -4.94 10.01
CA ALA A 47 7.37 -6.14 9.51
C ALA A 47 7.13 -6.29 8.00
N ILE A 48 5.86 -6.18 7.52
CA ILE A 48 5.51 -6.28 6.10
C ILE A 48 6.18 -5.19 5.27
N GLU A 49 6.25 -3.95 5.76
CA GLU A 49 6.93 -2.86 5.05
C GLU A 49 8.42 -3.17 4.88
N CYS A 50 9.08 -3.69 5.91
CA CYS A 50 10.49 -4.02 5.85
C CYS A 50 10.74 -5.14 4.89
N MET A 51 9.83 -6.13 4.82
CA MET A 51 9.91 -7.28 3.91
C MET A 51 9.88 -6.86 2.44
N PHE A 52 8.98 -5.93 2.07
CA PHE A 52 8.83 -5.50 0.68
C PHE A 52 9.50 -4.15 0.29
N GLY A 53 10.31 -3.61 1.18
CA GLY A 53 10.96 -2.32 0.96
C GLY A 53 9.97 -1.18 0.76
N LEU A 54 8.94 -1.10 1.66
CA LEU A 54 7.90 -0.05 1.60
C LEU A 54 7.86 0.76 2.87
N GLU A 55 9.04 1.10 3.41
CA GLU A 55 9.15 1.84 4.67
C GLU A 55 8.34 3.14 4.67
N GLY A 56 7.38 3.20 5.60
CA GLY A 56 6.48 4.33 5.81
C GLY A 56 5.20 4.38 5.01
N LEU A 57 5.06 3.50 4.00
CA LEU A 57 3.92 3.55 3.10
C LEU A 57 2.64 2.89 3.58
N LEU A 58 2.73 1.80 4.36
CA LEU A 58 1.53 1.09 4.89
C LEU A 58 1.12 1.58 6.32
N THR A 59 1.89 2.54 6.87
CA THR A 59 1.74 3.11 8.21
C THR A 59 1.54 4.66 8.19
N HIS A 60 0.92 5.22 7.09
CA HIS A 60 0.66 6.66 6.90
C HIS A 60 -0.50 6.88 5.92
N PRO A 61 -1.78 6.61 6.33
CA PRO A 61 -2.92 6.76 5.39
C PRO A 61 -3.19 8.17 4.88
N GLN A 62 -2.81 9.17 5.68
CA GLN A 62 -2.99 10.60 5.40
C GLN A 62 -2.04 11.16 4.31
N SER A 63 -0.95 10.40 3.95
CA SER A 63 0.04 10.79 2.95
C SER A 63 0.19 9.77 1.82
N SER A 64 0.06 8.46 2.15
CA SER A 64 0.27 7.36 1.21
C SER A 64 -1.02 6.79 0.61
N GLY A 65 -0.94 6.49 -0.68
CA GLY A 65 -2.05 5.90 -1.42
C GLY A 65 -2.02 4.38 -1.44
N TRP A 66 -0.99 3.79 -0.82
CA TRP A 66 -0.78 2.34 -0.67
C TRP A 66 -1.70 1.75 0.38
N LYS A 67 -2.26 0.59 0.11
CA LYS A 67 -3.15 -0.08 1.04
C LYS A 67 -2.68 -1.51 1.37
N LEU A 68 -2.72 -1.87 2.66
CA LEU A 68 -2.45 -3.25 3.03
C LEU A 68 -3.84 -3.88 3.23
N VAL A 69 -4.24 -4.75 2.31
CA VAL A 69 -5.54 -5.42 2.36
C VAL A 69 -5.43 -6.88 2.69
N TYR A 70 -6.58 -7.54 2.96
CA TYR A 70 -6.67 -8.98 3.23
C TYR A 70 -7.95 -9.60 2.73
N VAL A 71 -7.90 -10.92 2.46
CA VAL A 71 -9.07 -11.68 2.05
C VAL A 71 -9.48 -12.50 3.27
N ASP A 72 -10.76 -12.46 3.64
CA ASP A 72 -11.24 -13.21 4.77
C ASP A 72 -11.93 -14.55 4.38
N TYR A 73 -12.38 -15.30 5.40
CA TYR A 73 -13.11 -16.57 5.36
C TYR A 73 -14.36 -16.54 4.43
N GLU A 74 -14.88 -15.33 4.14
CA GLU A 74 -16.03 -15.13 3.26
C GLU A 74 -15.58 -14.61 1.89
N SER A 75 -14.26 -14.51 1.65
CA SER A 75 -13.69 -14.08 0.35
C SER A 75 -13.88 -12.60 0.03
N ASP A 76 -13.95 -11.78 1.09
CA ASP A 76 -14.09 -10.34 1.06
C ASP A 76 -12.75 -9.64 1.24
N VAL A 77 -12.46 -8.67 0.35
CA VAL A 77 -11.25 -7.85 0.38
C VAL A 77 -11.56 -6.71 1.33
N LEU A 78 -10.81 -6.67 2.45
CA LEU A 78 -10.99 -5.72 3.53
C LEU A 78 -9.63 -5.09 3.84
N LEU A 79 -9.65 -3.85 4.36
CA LEU A 79 -8.47 -3.09 4.77
C LEU A 79 -7.94 -3.60 6.10
N VAL A 80 -6.63 -3.79 6.21
CA VAL A 80 -6.01 -4.25 7.46
C VAL A 80 -6.00 -3.11 8.48
N GLY A 81 -6.70 -3.32 9.59
CA GLY A 81 -6.67 -2.33 10.66
C GLY A 81 -7.92 -2.15 11.46
N ASP A 82 -9.07 -2.24 10.77
CA ASP A 82 -10.43 -2.02 11.25
C ASP A 82 -10.93 -2.86 12.40
N ASP A 83 -10.71 -4.16 12.35
CA ASP A 83 -11.22 -5.09 13.34
C ASP A 83 -10.38 -5.22 14.66
N PRO A 84 -10.97 -5.78 15.76
CA PRO A 84 -10.16 -6.11 16.93
C PRO A 84 -9.16 -7.16 16.46
N TRP A 85 -7.87 -7.04 16.86
CA TRP A 85 -6.82 -7.95 16.42
C TRP A 85 -7.22 -9.42 16.57
N GLU A 86 -7.83 -9.80 17.68
CA GLU A 86 -8.25 -11.17 17.99
C GLU A 86 -9.21 -11.73 16.95
N GLU A 87 -10.14 -10.88 16.44
CA GLU A 87 -11.08 -11.27 15.41
C GLU A 87 -10.24 -11.52 14.18
N PHE A 88 -9.54 -10.47 13.68
CA PHE A 88 -8.67 -10.51 12.50
C PHE A 88 -7.89 -11.81 12.32
N VAL A 89 -7.04 -12.12 13.29
CA VAL A 89 -6.22 -13.33 13.34
C VAL A 89 -7.03 -14.63 13.00
N GLY A 90 -8.35 -14.60 13.25
CA GLY A 90 -9.26 -15.72 13.00
C GLY A 90 -9.89 -15.73 11.63
N CYS A 91 -10.17 -14.53 11.06
CA CYS A 91 -10.78 -14.31 9.74
C CYS A 91 -9.84 -14.30 8.58
N VAL A 92 -8.64 -13.75 8.78
CA VAL A 92 -7.58 -13.59 7.79
C VAL A 92 -7.24 -14.89 7.05
N ARG A 93 -7.35 -14.84 5.70
CA ARG A 93 -7.02 -15.99 4.86
C ARG A 93 -5.72 -15.76 4.10
N CYS A 94 -5.47 -14.50 3.65
CA CYS A 94 -4.25 -14.00 3.00
C CYS A 94 -4.22 -12.50 2.91
N ILE A 95 -3.01 -11.92 2.88
CA ILE A 95 -2.76 -10.50 2.82
C ILE A 95 -2.20 -10.08 1.42
N ARG A 96 -2.52 -8.84 0.97
CA ARG A 96 -2.02 -8.26 -0.28
C ARG A 96 -1.71 -6.76 -0.09
N ILE A 97 -0.61 -6.31 -0.70
CA ILE A 97 -0.22 -4.90 -0.70
C ILE A 97 -0.69 -4.37 -2.03
N LEU A 98 -1.54 -3.32 -2.00
CA LEU A 98 -2.05 -2.63 -3.17
C LEU A 98 -1.38 -1.25 -3.30
N SER A 99 -0.80 -0.96 -4.46
CA SER A 99 -0.16 0.33 -4.81
C SER A 99 -1.28 1.28 -5.23
N PRO A 100 -1.05 2.61 -5.21
CA PRO A 100 -2.09 3.52 -5.66
C PRO A 100 -2.67 3.16 -7.05
N THR A 101 -1.85 2.59 -7.96
CA THR A 101 -2.25 2.17 -9.30
C THR A 101 -3.20 1.00 -9.24
N GLU A 102 -2.90 -0.02 -8.35
CA GLU A 102 -3.74 -1.22 -8.23
C GLU A 102 -5.09 -0.90 -7.67
N VAL A 103 -5.16 0.08 -6.78
CA VAL A 103 -6.42 0.57 -6.19
C VAL A 103 -7.33 1.14 -7.31
N GLN A 104 -6.76 1.93 -8.26
CA GLN A 104 -7.54 2.43 -9.38
C GLN A 104 -7.85 1.28 -10.33
N GLN A 105 -6.92 0.32 -10.49
CA GLN A 105 -7.20 -0.83 -11.37
C GLN A 105 -8.36 -1.63 -10.83
N MET A 106 -8.55 -1.68 -9.53
CA MET A 106 -9.62 -2.36 -8.82
C MET A 106 -11.00 -1.68 -9.08
N SER A 107 -10.98 -0.33 -9.09
CA SER A 107 -12.13 0.54 -9.29
C SER A 107 -12.72 0.35 -10.67
N GLU A 108 -11.83 0.35 -11.68
CA GLU A 108 -12.12 0.14 -13.10
C GLU A 108 -12.62 -1.26 -13.37
N GLU A 109 -12.13 -2.26 -12.63
CA GLU A 109 -12.62 -3.63 -12.77
C GLU A 109 -14.04 -3.82 -12.19
N GLY A 110 -14.41 -2.98 -11.20
CA GLY A 110 -15.75 -2.93 -10.63
C GLY A 110 -16.71 -2.33 -11.65
N MET A 111 -16.21 -1.37 -12.48
CA MET A 111 -16.96 -0.72 -13.58
C MET A 111 -17.15 -1.66 -14.77
N LYS A 112 -16.17 -2.55 -14.98
CA LYS A 112 -16.16 -3.59 -16.00
C LYS A 112 -17.20 -4.64 -15.60
N LEU A 113 -17.25 -5.00 -14.28
CA LEU A 113 -18.21 -5.96 -13.71
C LEU A 113 -19.64 -5.41 -13.92
N LEU A 114 -19.84 -4.10 -13.56
CA LEU A 114 -21.12 -3.40 -13.72
C LEU A 114 -21.55 -3.13 -15.20
N ASN A 115 -20.60 -3.25 -16.17
CA ASN A 115 -20.86 -3.04 -17.60
C ASN A 115 -20.04 -3.98 -18.47
N THR B 19 28.94 -17.87 25.00
CA THR B 19 28.08 -18.34 23.91
C THR B 19 26.61 -17.86 23.95
N TYR B 20 26.13 -17.42 25.13
CA TYR B 20 24.79 -16.85 25.30
C TYR B 20 24.90 -15.36 25.03
N THR B 21 23.75 -14.70 24.80
CA THR B 21 23.74 -13.29 24.44
C THR B 21 23.18 -12.44 25.53
N LYS B 22 23.94 -11.44 25.98
CA LYS B 22 23.53 -10.47 26.99
C LYS B 22 22.38 -9.57 26.51
N VAL B 23 21.43 -9.30 27.41
CA VAL B 23 20.32 -8.36 27.19
C VAL B 23 20.44 -7.31 28.29
N GLN B 24 20.62 -6.05 27.90
CA GLN B 24 20.84 -4.99 28.87
C GLN B 24 19.80 -3.86 28.76
N LYS B 25 19.61 -3.10 29.87
CA LYS B 25 18.74 -1.94 30.09
C LYS B 25 19.33 -1.13 31.24
N THR B 26 19.61 0.17 31.02
CA THR B 26 20.12 1.11 32.02
C THR B 26 19.25 1.08 33.29
N GLY B 27 19.89 0.94 34.45
CA GLY B 27 19.23 0.87 35.75
C GLY B 27 18.60 -0.46 36.11
N SER B 28 18.84 -1.47 35.26
CA SER B 28 18.31 -2.82 35.46
C SER B 28 19.42 -3.87 35.41
N VAL B 29 19.24 -4.95 36.19
CA VAL B 29 20.11 -6.11 36.16
C VAL B 29 19.82 -6.79 34.83
N GLY B 30 20.87 -6.90 34.02
CA GLY B 30 20.83 -7.49 32.70
C GLY B 30 20.71 -9.00 32.74
N ARG B 31 20.46 -9.60 31.56
CA ARG B 31 20.27 -11.04 31.39
C ARG B 31 21.09 -11.65 30.25
N SER B 32 21.05 -12.98 30.14
CA SER B 32 21.68 -13.73 29.08
C SER B 32 20.70 -14.74 28.50
N ILE B 33 20.64 -14.84 27.17
CA ILE B 33 19.74 -15.73 26.47
C ILE B 33 20.42 -16.46 25.33
N ASP B 34 19.87 -17.62 24.97
CA ASP B 34 20.32 -18.37 23.83
C ASP B 34 19.38 -17.91 22.71
N VAL B 35 19.80 -16.92 21.87
CA VAL B 35 18.95 -16.42 20.77
C VAL B 35 18.45 -17.56 19.86
N THR B 36 19.27 -18.63 19.72
CA THR B 36 18.94 -19.82 18.93
C THR B 36 17.77 -20.60 19.53
N SER B 37 17.43 -20.38 20.81
CA SER B 37 16.30 -21.06 21.45
C SER B 37 14.98 -20.43 20.95
N PHE B 38 15.11 -19.37 20.11
CA PHE B 38 14.01 -18.62 19.51
C PHE B 38 13.80 -18.94 18.03
N LYS B 39 12.54 -18.86 17.63
CA LYS B 39 12.07 -19.23 16.29
C LYS B 39 12.23 -18.04 15.35
N ASP B 40 11.98 -16.82 15.90
CA ASP B 40 11.89 -15.56 15.16
C ASP B 40 12.05 -14.35 16.08
N TYR B 41 12.01 -13.14 15.50
CA TYR B 41 12.08 -11.85 16.18
C TYR B 41 10.87 -11.59 17.04
N GLU B 42 9.71 -12.20 16.71
CA GLU B 42 8.49 -12.03 17.50
C GLU B 42 8.57 -12.72 18.85
N GLU B 43 9.05 -13.98 18.84
CA GLU B 43 9.31 -14.78 20.03
C GLU B 43 10.38 -14.07 20.86
N LEU B 44 11.43 -13.53 20.18
CA LEU B 44 12.54 -12.83 20.83
C LEU B 44 12.05 -11.58 21.52
N LYS B 45 11.38 -10.66 20.75
CA LYS B 45 10.88 -9.38 21.27
C LYS B 45 9.94 -9.61 22.43
N SER B 46 9.04 -10.60 22.35
CA SER B 46 8.09 -10.95 23.43
C SER B 46 8.67 -11.49 24.72
N ALA B 47 9.63 -12.42 24.64
CA ALA B 47 10.27 -12.96 25.84
C ALA B 47 11.02 -11.88 26.58
N ILE B 48 11.62 -10.91 25.85
CA ILE B 48 12.38 -9.78 26.42
C ILE B 48 11.44 -8.80 27.14
N GLU B 49 10.22 -8.63 26.62
CA GLU B 49 9.19 -7.78 27.21
C GLU B 49 8.73 -8.28 28.56
N CYS B 50 8.70 -9.63 28.78
CA CYS B 50 8.29 -10.23 30.08
C CYS B 50 9.39 -10.03 31.07
N MET B 51 10.63 -10.32 30.60
CA MET B 51 11.87 -10.26 31.35
C MET B 51 12.04 -8.93 32.03
N PHE B 52 11.86 -7.85 31.28
CA PHE B 52 12.08 -6.50 31.75
C PHE B 52 10.84 -5.74 32.19
N GLY B 53 9.66 -6.37 32.08
CA GLY B 53 8.37 -5.76 32.41
C GLY B 53 8.02 -4.62 31.47
N LEU B 54 8.37 -4.77 30.18
CA LEU B 54 8.12 -3.78 29.15
C LEU B 54 7.07 -4.28 28.16
N GLU B 55 5.96 -4.83 28.67
CA GLU B 55 4.92 -5.40 27.83
C GLU B 55 4.35 -4.46 26.77
N GLY B 56 4.57 -4.84 25.51
CA GLY B 56 4.13 -4.12 24.31
C GLY B 56 4.93 -2.91 23.89
N LEU B 57 5.97 -2.51 24.64
CA LEU B 57 6.73 -1.30 24.33
C LEU B 57 7.72 -1.51 23.21
N LEU B 58 8.18 -2.76 23.07
CA LEU B 58 9.16 -3.15 22.03
C LEU B 58 8.44 -3.72 20.80
N THR B 59 7.09 -3.79 20.84
CA THR B 59 6.25 -4.37 19.77
C THR B 59 5.20 -3.42 19.12
N HIS B 60 5.25 -2.11 19.44
CA HIS B 60 4.42 -1.07 18.83
C HIS B 60 5.35 -0.08 18.12
N PRO B 61 5.90 -0.38 16.93
CA PRO B 61 6.87 0.56 16.31
C PRO B 61 6.47 2.02 16.11
N GLN B 62 5.20 2.33 15.88
CA GLN B 62 4.93 3.76 15.61
C GLN B 62 4.50 4.59 16.79
N SER B 63 3.88 3.94 17.78
CA SER B 63 3.34 4.58 18.98
C SER B 63 4.17 4.30 20.23
N SER B 64 5.47 4.00 20.08
CA SER B 64 6.38 3.75 21.19
C SER B 64 7.75 4.22 20.81
N GLY B 65 8.39 4.98 21.70
CA GLY B 65 9.74 5.51 21.51
C GLY B 65 10.82 4.53 21.89
N TRP B 66 10.46 3.48 22.67
CA TRP B 66 11.35 2.41 23.12
C TRP B 66 11.88 1.71 21.94
N LYS B 67 13.19 1.44 21.97
CA LYS B 67 13.87 0.77 20.87
C LYS B 67 14.74 -0.40 21.35
N LEU B 68 14.58 -1.59 20.74
CA LEU B 68 15.39 -2.76 21.06
C LEU B 68 16.51 -2.86 20.02
N VAL B 69 17.73 -2.45 20.43
CA VAL B 69 18.93 -2.44 19.59
C VAL B 69 19.84 -3.66 19.87
N TYR B 70 20.88 -3.82 19.05
CA TYR B 70 21.92 -4.83 19.17
C TYR B 70 23.20 -4.31 18.57
N VAL B 71 24.34 -4.81 19.11
CA VAL B 71 25.69 -4.52 18.66
C VAL B 71 26.18 -5.79 17.98
N ASP B 72 26.45 -5.68 16.69
CA ASP B 72 26.97 -6.80 15.93
C ASP B 72 28.49 -6.95 16.10
N TYR B 73 29.06 -7.93 15.38
CA TYR B 73 30.47 -8.31 15.33
C TYR B 73 31.43 -7.23 14.81
N GLU B 74 30.93 -6.25 14.04
CA GLU B 74 31.74 -5.13 13.52
C GLU B 74 31.56 -3.90 14.43
N SER B 75 30.90 -4.09 15.61
CA SER B 75 30.65 -3.07 16.65
C SER B 75 29.72 -1.91 16.18
N ASP B 76 28.70 -2.27 15.42
CA ASP B 76 27.72 -1.33 14.94
C ASP B 76 26.42 -1.56 15.72
N VAL B 77 25.82 -0.43 16.19
CA VAL B 77 24.53 -0.44 16.89
C VAL B 77 23.48 -0.43 15.82
N LEU B 78 22.77 -1.58 15.71
CA LEU B 78 21.71 -1.79 14.72
C LEU B 78 20.38 -2.15 15.41
N LEU B 79 19.26 -1.82 14.76
CA LEU B 79 17.90 -2.11 15.25
C LEU B 79 17.54 -3.58 15.01
N VAL B 80 17.05 -4.30 16.05
CA VAL B 80 16.66 -5.72 16.01
C VAL B 80 15.42 -5.89 15.16
N GLY B 81 15.50 -6.70 14.09
CA GLY B 81 14.34 -6.97 13.24
C GLY B 81 14.49 -6.92 11.74
N ASP B 82 15.59 -6.32 11.22
CA ASP B 82 15.90 -6.09 9.81
C ASP B 82 16.59 -7.21 9.05
N ASP B 83 17.55 -7.87 9.63
CA ASP B 83 18.31 -8.90 8.92
C ASP B 83 17.56 -10.23 8.88
N PRO B 84 17.81 -11.12 7.87
CA PRO B 84 17.23 -12.46 7.95
C PRO B 84 17.64 -13.04 9.32
N TRP B 85 16.65 -13.55 10.10
CA TRP B 85 16.81 -14.11 11.43
C TRP B 85 18.05 -15.00 11.56
N GLU B 86 18.31 -15.83 10.52
CA GLU B 86 19.44 -16.76 10.46
C GLU B 86 20.79 -16.02 10.52
N GLU B 87 20.89 -14.86 9.86
CA GLU B 87 22.12 -14.12 9.95
C GLU B 87 22.24 -13.28 11.23
N PHE B 88 21.09 -12.78 11.76
CA PHE B 88 21.07 -12.07 13.06
C PHE B 88 21.69 -12.98 14.11
N VAL B 89 21.26 -14.25 14.16
CA VAL B 89 21.73 -15.26 15.10
C VAL B 89 23.27 -15.36 15.18
N GLY B 90 23.95 -15.32 14.03
CA GLY B 90 25.41 -15.41 13.95
C GLY B 90 26.15 -14.10 14.15
N CYS B 91 25.49 -12.97 13.84
CA CYS B 91 26.04 -11.61 13.93
C CYS B 91 25.87 -10.88 15.23
N VAL B 92 24.80 -11.19 15.99
CA VAL B 92 24.51 -10.56 17.28
C VAL B 92 25.60 -10.85 18.30
N ARG B 93 26.05 -9.80 19.00
CA ARG B 93 27.04 -9.92 20.06
C ARG B 93 26.39 -9.60 21.38
N CYS B 94 25.50 -8.56 21.43
CA CYS B 94 24.70 -8.20 22.61
C CYS B 94 23.50 -7.36 22.25
N ILE B 95 22.39 -7.57 22.97
CA ILE B 95 21.12 -6.84 22.78
C ILE B 95 20.98 -5.77 23.90
N ARG B 96 20.36 -4.62 23.56
CA ARG B 96 20.13 -3.49 24.48
C ARG B 96 18.74 -2.83 24.28
N ILE B 97 18.07 -2.55 25.41
CA ILE B 97 16.76 -1.88 25.43
C ILE B 97 17.03 -0.40 25.67
N LEU B 98 16.69 0.43 24.67
CA LEU B 98 16.80 1.88 24.72
C LEU B 98 15.44 2.54 25.03
N SER B 99 15.36 3.29 26.14
CA SER B 99 14.17 4.01 26.56
C SER B 99 14.06 5.17 25.59
N PRO B 100 12.89 5.86 25.42
CA PRO B 100 12.80 6.99 24.49
C PRO B 100 13.79 8.13 24.78
N THR B 101 14.22 8.25 26.05
CA THR B 101 15.16 9.29 26.49
C THR B 101 16.59 8.94 26.10
N GLU B 102 16.98 7.63 26.20
CA GLU B 102 18.32 7.16 25.83
C GLU B 102 18.52 7.40 24.32
N VAL B 103 17.43 7.32 23.52
CA VAL B 103 17.39 7.54 22.06
C VAL B 103 17.63 9.03 21.75
N GLN B 104 16.98 9.96 22.52
CA GLN B 104 17.12 11.41 22.42
C GLN B 104 18.54 11.79 22.78
N GLN B 105 19.05 11.23 23.91
CA GLN B 105 20.38 11.46 24.43
C GLN B 105 21.45 11.03 23.40
N MET B 106 21.17 9.93 22.66
CA MET B 106 22.05 9.36 21.62
C MET B 106 22.27 10.30 20.43
N SER B 107 21.21 10.99 19.97
CA SER B 107 21.33 11.90 18.82
C SER B 107 22.04 13.18 19.19
N GLU B 108 21.76 13.69 20.43
CA GLU B 108 22.32 14.91 21.04
C GLU B 108 23.82 15.01 20.86
N GLU B 109 24.53 13.88 21.01
CA GLU B 109 25.97 13.82 20.77
C GLU B 109 26.29 13.51 19.26
N ARG C 18 3.20 26.96 -32.81
CA ARG C 18 4.16 26.90 -31.69
C ARG C 18 5.29 25.93 -31.95
N THR C 19 6.53 26.32 -31.61
CA THR C 19 7.69 25.44 -31.74
C THR C 19 7.80 24.52 -30.50
N TYR C 20 7.22 25.00 -29.36
CA TYR C 20 7.21 24.33 -28.05
C TYR C 20 5.83 23.72 -27.72
N THR C 21 5.84 22.76 -26.80
CA THR C 21 4.70 21.99 -26.36
C THR C 21 4.34 22.31 -24.91
N LYS C 22 3.05 22.63 -24.66
CA LYS C 22 2.53 22.95 -23.33
C LYS C 22 2.54 21.73 -22.43
N VAL C 23 2.91 21.92 -21.15
CA VAL C 23 2.88 20.87 -20.15
C VAL C 23 2.01 21.44 -19.03
N GLN C 24 0.82 20.89 -18.88
CA GLN C 24 -0.13 21.37 -17.89
C GLN C 24 -0.46 20.30 -16.81
N LYS C 25 -0.72 20.79 -15.58
CA LYS C 25 -1.11 20.09 -14.35
C LYS C 25 -2.09 21.04 -13.67
N THR C 26 -3.22 20.48 -13.19
CA THR C 26 -4.29 21.23 -12.54
C THR C 26 -3.82 21.85 -11.25
N GLY C 27 -4.11 23.15 -11.10
CA GLY C 27 -3.80 23.91 -9.90
C GLY C 27 -2.38 24.40 -9.83
N SER C 28 -1.61 24.07 -10.88
CA SER C 28 -0.23 24.48 -11.07
C SER C 28 -0.10 25.34 -12.33
N VAL C 29 0.89 26.26 -12.32
CA VAL C 29 1.25 27.08 -13.47
C VAL C 29 1.84 26.12 -14.55
N GLY C 30 1.37 26.23 -15.79
CA GLY C 30 1.82 25.39 -16.90
C GLY C 30 3.20 25.78 -17.41
N ARG C 31 3.80 24.90 -18.26
CA ARG C 31 5.15 25.15 -18.82
C ARG C 31 5.22 24.86 -20.33
N SER C 32 6.36 25.16 -20.98
CA SER C 32 6.58 24.90 -22.40
C SER C 32 7.96 24.25 -22.60
N ILE C 33 7.96 23.03 -23.15
CA ILE C 33 9.18 22.28 -23.45
C ILE C 33 9.36 22.09 -24.97
N ASP C 34 10.61 21.93 -25.41
CA ASP C 34 10.92 21.59 -26.78
C ASP C 34 11.20 20.09 -26.74
N VAL C 35 10.16 19.27 -27.02
CA VAL C 35 10.19 17.79 -26.96
C VAL C 35 11.40 17.23 -27.77
N THR C 36 11.71 17.87 -28.92
CA THR C 36 12.83 17.54 -29.80
C THR C 36 14.19 17.62 -29.06
N SER C 37 14.28 18.40 -27.96
CA SER C 37 15.51 18.53 -27.19
C SER C 37 15.82 17.31 -26.32
N PHE C 38 14.87 16.36 -26.25
CA PHE C 38 15.01 15.10 -25.51
C PHE C 38 15.22 13.96 -26.50
N LYS C 39 15.81 12.86 -26.03
CA LYS C 39 16.14 11.71 -26.87
C LYS C 39 15.15 10.56 -26.71
N ASP C 40 14.56 10.45 -25.52
CA ASP C 40 13.62 9.39 -25.22
C ASP C 40 12.51 9.83 -24.27
N TYR C 41 11.58 8.92 -24.02
CA TYR C 41 10.44 9.17 -23.18
C TYR C 41 10.85 9.31 -21.71
N GLU C 42 11.92 8.64 -21.29
CA GLU C 42 12.36 8.70 -19.90
C GLU C 42 13.05 10.02 -19.58
N GLU C 43 13.75 10.59 -20.60
CA GLU C 43 14.43 11.88 -20.55
C GLU C 43 13.35 12.96 -20.43
N LEU C 44 12.32 12.88 -21.32
CA LEU C 44 11.14 13.76 -21.36
C LEU C 44 10.45 13.80 -19.99
N LYS C 45 10.01 12.62 -19.51
CA LYS C 45 9.34 12.37 -18.22
C LYS C 45 10.10 12.93 -17.03
N SER C 46 11.45 12.72 -16.96
CA SER C 46 12.30 13.25 -15.86
C SER C 46 12.37 14.76 -15.76
N ALA C 47 12.54 15.42 -16.93
CA ALA C 47 12.59 16.87 -17.03
C ALA C 47 11.23 17.42 -16.59
N ILE C 48 10.13 16.72 -16.94
CA ILE C 48 8.79 17.11 -16.48
C ILE C 48 8.65 16.94 -14.95
N GLU C 49 9.15 15.81 -14.40
CA GLU C 49 9.15 15.56 -12.95
C GLU C 49 9.87 16.68 -12.15
N CYS C 50 11.04 17.17 -12.63
CA CYS C 50 11.79 18.22 -11.93
C CYS C 50 11.03 19.53 -11.87
N MET C 51 10.47 19.95 -13.04
CA MET C 51 9.69 21.16 -13.29
C MET C 51 8.48 21.28 -12.37
N PHE C 52 7.79 20.15 -12.12
CA PHE C 52 6.58 20.08 -11.31
C PHE C 52 6.75 19.43 -9.92
N GLY C 53 7.97 19.03 -9.57
CA GLY C 53 8.28 18.43 -8.27
C GLY C 53 7.64 17.09 -7.99
N LEU C 54 7.56 16.23 -9.02
CA LEU C 54 6.92 14.92 -8.98
C LEU C 54 7.93 13.82 -9.25
N GLU C 55 9.17 13.97 -8.73
CA GLU C 55 10.26 13.00 -8.93
C GLU C 55 9.88 11.60 -8.47
N GLY C 56 9.87 10.69 -9.43
CA GLY C 56 9.53 9.30 -9.23
C GLY C 56 8.17 8.93 -9.80
N LEU C 57 7.15 9.75 -9.49
CA LEU C 57 5.75 9.50 -9.83
C LEU C 57 5.36 9.29 -11.28
N LEU C 58 5.95 10.04 -12.24
CA LEU C 58 5.63 9.91 -13.68
C LEU C 58 6.45 8.80 -14.30
N THR C 59 7.53 8.41 -13.66
CA THR C 59 8.41 7.36 -14.19
C THR C 59 8.05 5.98 -13.67
N HIS C 60 7.22 5.88 -12.59
CA HIS C 60 6.75 4.61 -12.01
C HIS C 60 5.23 4.55 -12.08
N PRO C 61 4.60 4.63 -13.28
CA PRO C 61 3.13 4.62 -13.36
C PRO C 61 2.46 3.31 -12.94
N GLN C 62 3.23 2.24 -12.88
CA GLN C 62 2.78 0.88 -12.56
C GLN C 62 2.34 0.80 -11.12
N SER C 63 2.86 1.73 -10.28
CA SER C 63 2.60 1.78 -8.85
C SER C 63 2.02 3.13 -8.40
N SER C 64 2.53 4.25 -8.91
CA SER C 64 2.19 5.62 -8.47
C SER C 64 0.77 6.14 -8.47
N GLY C 65 -0.03 5.74 -9.44
CA GLY C 65 -1.38 6.31 -9.53
C GLY C 65 -1.43 7.50 -10.48
N TRP C 66 -0.27 8.07 -10.84
CA TRP C 66 -0.15 9.20 -11.77
C TRP C 66 0.00 8.68 -13.17
N LYS C 67 -0.63 9.38 -14.10
CA LYS C 67 -0.65 9.15 -15.54
C LYS C 67 -0.20 10.48 -16.26
N LEU C 68 0.71 10.39 -17.26
CA LEU C 68 1.15 11.47 -18.12
C LEU C 68 0.54 11.18 -19.53
N VAL C 69 -0.55 11.89 -19.85
CA VAL C 69 -1.32 11.82 -21.10
C VAL C 69 -0.89 12.99 -22.00
N TYR C 70 -1.29 12.95 -23.29
CA TYR C 70 -1.06 13.97 -24.33
C TYR C 70 -2.20 14.12 -25.33
N VAL C 71 -2.19 15.27 -26.02
CA VAL C 71 -3.17 15.59 -27.04
C VAL C 71 -2.40 15.69 -28.36
N ASP C 72 -2.73 14.83 -29.32
CA ASP C 72 -2.07 14.81 -30.62
C ASP C 72 -2.72 15.81 -31.61
N TYR C 73 -2.15 15.90 -32.82
CA TYR C 73 -2.60 16.76 -33.93
C TYR C 73 -4.11 16.57 -34.29
N GLU C 74 -4.67 15.36 -34.10
CA GLU C 74 -6.09 15.02 -34.35
C GLU C 74 -6.98 15.26 -33.09
N SER C 75 -6.45 15.97 -32.07
CA SER C 75 -7.13 16.30 -30.80
C SER C 75 -7.66 15.07 -30.04
N ASP C 76 -6.90 13.96 -30.01
CA ASP C 76 -7.22 12.71 -29.33
C ASP C 76 -6.37 12.61 -28.08
N VAL C 77 -6.94 12.11 -26.97
CA VAL C 77 -6.20 11.97 -25.71
C VAL C 77 -5.62 10.58 -25.66
N LEU C 78 -4.30 10.52 -25.68
CA LEU C 78 -3.50 9.31 -25.72
C LEU C 78 -2.51 9.32 -24.56
N LEU C 79 -1.89 8.15 -24.23
CA LEU C 79 -0.92 8.00 -23.14
C LEU C 79 0.48 8.26 -23.68
N VAL C 80 1.33 8.98 -22.95
CA VAL C 80 2.72 9.20 -23.37
C VAL C 80 3.41 7.82 -23.16
N GLY C 81 3.96 7.27 -24.25
CA GLY C 81 4.67 5.99 -24.17
C GLY C 81 4.51 4.99 -25.29
N ASP C 82 3.29 4.81 -25.86
CA ASP C 82 3.02 3.80 -26.90
C ASP C 82 3.77 3.93 -28.22
N ASP C 83 3.81 5.12 -28.79
CA ASP C 83 4.41 5.42 -30.10
C ASP C 83 5.94 5.34 -30.13
N PRO C 84 6.57 5.09 -31.29
CA PRO C 84 8.03 5.28 -31.38
C PRO C 84 8.34 6.79 -31.19
N TRP C 85 9.32 7.12 -30.33
CA TRP C 85 9.72 8.49 -29.99
C TRP C 85 9.62 9.47 -31.15
N GLU C 86 10.31 9.17 -32.25
CA GLU C 86 10.36 9.99 -33.47
C GLU C 86 8.98 10.37 -34.02
N GLU C 87 8.00 9.44 -33.91
CA GLU C 87 6.60 9.59 -34.30
C GLU C 87 6.00 10.62 -33.36
N PHE C 88 5.98 10.31 -32.03
CA PHE C 88 5.50 11.16 -30.94
C PHE C 88 5.84 12.63 -31.14
N VAL C 89 7.14 12.91 -31.32
CA VAL C 89 7.68 14.26 -31.49
C VAL C 89 6.87 15.14 -32.47
N GLY C 90 6.43 14.56 -33.59
CA GLY C 90 5.65 15.28 -34.60
C GLY C 90 4.15 15.36 -34.37
N CYS C 91 3.58 14.44 -33.57
CA CYS C 91 2.15 14.40 -33.26
C CYS C 91 1.76 15.17 -32.03
N VAL C 92 2.60 15.17 -30.97
CA VAL C 92 2.25 15.87 -29.73
C VAL C 92 1.94 17.36 -29.92
N ARG C 93 0.80 17.81 -29.39
CA ARG C 93 0.43 19.23 -29.43
C ARG C 93 0.64 19.78 -28.04
N CYS C 94 0.13 19.07 -27.00
CA CYS C 94 0.35 19.39 -25.60
C CYS C 94 0.30 18.16 -24.70
N ILE C 95 1.03 18.24 -23.57
CA ILE C 95 1.20 17.20 -22.54
C ILE C 95 0.45 17.64 -21.27
N ARG C 96 -0.13 16.66 -20.54
CA ARG C 96 -0.88 16.91 -19.32
C ARG C 96 -0.63 15.84 -18.24
N ILE C 97 -0.44 16.28 -16.98
CA ILE C 97 -0.17 15.44 -15.82
C ILE C 97 -1.48 15.15 -15.12
N LEU C 98 -1.77 13.86 -14.94
CA LEU C 98 -2.96 13.41 -14.24
C LEU C 98 -2.57 12.82 -12.90
N SER C 99 -3.10 13.38 -11.80
CA SER C 99 -2.85 12.93 -10.44
C SER C 99 -3.77 11.75 -10.18
N PRO C 100 -3.56 10.91 -9.13
CA PRO C 100 -4.47 9.79 -8.89
C PRO C 100 -5.94 10.21 -8.81
N THR C 101 -6.22 11.38 -8.19
CA THR C 101 -7.54 12.00 -8.03
C THR C 101 -8.14 12.28 -9.42
N GLU C 102 -7.40 13.03 -10.29
CA GLU C 102 -7.79 13.29 -11.67
C GLU C 102 -7.99 11.92 -12.40
N VAL C 103 -7.11 10.92 -12.17
CA VAL C 103 -7.26 9.59 -12.80
C VAL C 103 -8.60 8.95 -12.38
N GLN C 104 -8.96 9.01 -11.05
CA GLN C 104 -10.25 8.47 -10.57
C GLN C 104 -11.50 9.05 -11.18
N GLN C 105 -11.54 10.37 -11.30
CA GLN C 105 -12.63 11.13 -11.90
C GLN C 105 -12.73 10.82 -13.42
N MET C 106 -11.60 10.91 -14.16
CA MET C 106 -11.53 10.58 -15.60
C MET C 106 -12.08 9.19 -15.90
N SER C 107 -11.75 8.21 -15.03
CA SER C 107 -12.19 6.81 -15.15
C SER C 107 -13.70 6.65 -15.01
N GLU C 108 -14.34 7.51 -14.17
CA GLU C 108 -15.79 7.48 -13.92
C GLU C 108 -16.71 7.68 -15.16
N GLU C 109 -16.17 8.30 -16.24
CA GLU C 109 -16.91 8.56 -17.49
C GLU C 109 -16.68 7.42 -18.50
N ARG D 18 26.41 -11.81 5.98
CA ARG D 18 25.88 -10.45 5.96
C ARG D 18 25.31 -10.08 4.57
N THR D 19 24.11 -10.64 4.28
CA THR D 19 23.36 -10.52 3.02
C THR D 19 22.83 -9.09 2.74
N TYR D 20 22.52 -8.31 3.81
CA TYR D 20 21.90 -6.97 3.70
C TYR D 20 22.89 -5.83 3.86
N THR D 21 22.47 -4.63 3.44
CA THR D 21 23.27 -3.41 3.47
C THR D 21 22.96 -2.51 4.67
N LYS D 22 23.95 -2.26 5.53
CA LYS D 22 23.78 -1.40 6.67
C LYS D 22 23.59 0.04 6.17
N VAL D 23 22.65 0.78 6.78
CA VAL D 23 22.38 2.20 6.48
C VAL D 23 22.66 2.88 7.77
N GLN D 24 23.67 3.73 7.79
CA GLN D 24 24.07 4.35 9.04
C GLN D 24 24.07 5.87 9.04
N LYS D 25 23.88 6.45 10.25
CA LYS D 25 23.84 7.89 10.49
C LYS D 25 24.43 8.13 11.88
N THR D 26 25.39 9.11 12.03
CA THR D 26 25.91 9.39 13.38
C THR D 26 24.78 9.93 14.30
N GLY D 27 24.69 9.36 15.51
CA GLY D 27 23.68 9.72 16.51
C GLY D 27 22.41 8.91 16.41
N SER D 28 22.24 8.21 15.30
CA SER D 28 21.05 7.37 15.05
C SER D 28 21.38 5.89 15.16
N VAL D 29 20.37 5.09 15.52
CA VAL D 29 20.47 3.63 15.54
C VAL D 29 20.47 3.26 14.03
N GLY D 30 21.45 2.44 13.60
CA GLY D 30 21.55 2.02 12.21
C GLY D 30 20.47 1.02 11.85
N ARG D 31 20.34 0.71 10.53
CA ARG D 31 19.38 -0.25 9.96
C ARG D 31 20.05 -1.08 8.86
N SER D 32 19.36 -2.16 8.37
CA SER D 32 19.76 -3.07 7.29
C SER D 32 18.64 -3.14 6.30
N ILE D 33 18.98 -3.07 5.01
CA ILE D 33 17.99 -3.13 3.91
C ILE D 33 18.49 -4.09 2.82
N ASP D 34 17.57 -4.71 2.06
CA ASP D 34 17.92 -5.56 0.90
C ASP D 34 17.81 -4.62 -0.32
N VAL D 35 18.95 -4.13 -0.83
CA VAL D 35 18.98 -3.19 -1.95
C VAL D 35 18.12 -3.67 -3.14
N THR D 36 18.00 -4.99 -3.28
CA THR D 36 17.25 -5.69 -4.33
C THR D 36 15.74 -5.64 -4.15
N SER D 37 15.27 -5.09 -3.01
CA SER D 37 13.82 -4.96 -2.79
C SER D 37 13.30 -3.63 -3.37
N PHE D 38 14.19 -2.84 -4.00
CA PHE D 38 13.92 -1.57 -4.66
C PHE D 38 14.37 -1.71 -6.09
N LYS D 39 13.72 -0.99 -7.00
CA LYS D 39 14.06 -1.13 -8.41
C LYS D 39 14.86 0.04 -9.03
N ASP D 40 15.11 1.12 -8.23
CA ASP D 40 15.84 2.35 -8.59
C ASP D 40 16.27 3.14 -7.32
N TYR D 41 16.98 4.26 -7.52
CA TYR D 41 17.49 5.17 -6.50
C TYR D 41 16.42 5.98 -5.79
N GLU D 42 15.39 6.46 -6.50
CA GLU D 42 14.29 7.24 -5.87
C GLU D 42 13.60 6.38 -4.80
N GLU D 43 13.35 5.11 -5.11
CA GLU D 43 12.70 4.19 -4.18
C GLU D 43 13.60 3.98 -2.92
N LEU D 44 14.89 3.70 -3.15
CA LEU D 44 15.92 3.56 -2.10
C LEU D 44 15.98 4.82 -1.23
N LYS D 45 16.11 6.00 -1.85
CA LYS D 45 16.20 7.28 -1.15
C LYS D 45 14.99 7.68 -0.33
N SER D 46 13.79 7.35 -0.79
CA SER D 46 12.56 7.72 -0.06
C SER D 46 12.34 6.86 1.19
N ALA D 47 12.65 5.53 1.08
CA ALA D 47 12.56 4.57 2.17
C ALA D 47 13.57 5.00 3.26
N ILE D 48 14.86 5.22 2.88
CA ILE D 48 15.91 5.67 3.82
C ILE D 48 15.48 6.97 4.50
N GLU D 49 14.93 7.93 3.75
CA GLU D 49 14.41 9.19 4.29
C GLU D 49 13.36 8.92 5.37
N CYS D 50 12.51 7.88 5.19
CA CYS D 50 11.52 7.52 6.17
C CYS D 50 12.17 7.03 7.43
N MET D 51 12.94 5.94 7.30
CA MET D 51 13.62 5.23 8.36
C MET D 51 14.43 6.08 9.30
N PHE D 52 14.88 7.25 8.81
CA PHE D 52 15.74 8.21 9.49
C PHE D 52 15.15 9.63 9.65
N GLY D 53 13.86 9.80 9.38
CA GLY D 53 13.14 11.07 9.51
C GLY D 53 13.71 12.24 8.75
N LEU D 54 14.23 12.00 7.55
CA LEU D 54 14.84 13.05 6.71
C LEU D 54 14.02 13.27 5.43
N GLU D 55 12.68 13.29 5.53
CA GLU D 55 11.82 13.48 4.37
C GLU D 55 12.22 14.71 3.51
N GLY D 56 12.53 14.44 2.25
CA GLY D 56 12.89 15.42 1.24
C GLY D 56 14.32 15.93 1.23
N LEU D 57 15.15 15.51 2.22
CA LEU D 57 16.53 15.95 2.40
C LEU D 57 17.57 15.30 1.50
N LEU D 58 17.48 13.99 1.30
CA LEU D 58 18.43 13.20 0.51
C LEU D 58 17.98 13.13 -0.95
N THR D 59 16.71 13.53 -1.18
CA THR D 59 16.03 13.49 -2.47
C THR D 59 16.02 14.83 -3.24
N HIS D 60 16.77 15.83 -2.72
CA HIS D 60 17.00 17.18 -3.26
C HIS D 60 18.37 17.63 -2.70
N PRO D 61 19.50 16.93 -3.00
CA PRO D 61 20.80 17.33 -2.38
C PRO D 61 21.36 18.66 -2.86
N GLN D 62 20.83 19.13 -4.00
CA GLN D 62 21.15 20.40 -4.65
C GLN D 62 20.73 21.56 -3.73
N SER D 63 19.58 21.39 -3.03
CA SER D 63 18.97 22.36 -2.12
C SER D 63 19.01 21.96 -0.62
N SER D 64 19.68 20.85 -0.24
CA SER D 64 19.74 20.43 1.16
C SER D 64 21.12 20.39 1.81
N GLY D 65 22.11 19.91 1.09
CA GLY D 65 23.46 19.79 1.64
C GLY D 65 23.70 18.51 2.40
N TRP D 66 22.61 17.73 2.58
CA TRP D 66 22.58 16.39 3.18
C TRP D 66 22.97 15.47 2.06
N LYS D 67 23.95 14.58 2.32
CA LYS D 67 24.44 13.66 1.31
C LYS D 67 24.28 12.20 1.68
N LEU D 68 23.81 11.38 0.72
CA LEU D 68 23.68 9.94 0.89
C LEU D 68 24.86 9.29 0.15
N VAL D 69 25.84 8.81 0.96
CA VAL D 69 27.08 8.17 0.48
C VAL D 69 27.02 6.64 0.60
N TYR D 70 28.01 5.95 -0.01
CA TYR D 70 28.22 4.53 0.07
C TYR D 70 29.68 4.12 0.01
N VAL D 71 29.97 2.96 0.57
CA VAL D 71 31.29 2.37 0.53
C VAL D 71 31.13 1.12 -0.34
N ASP D 72 32.00 0.96 -1.36
CA ASP D 72 31.92 -0.18 -2.27
C ASP D 72 32.93 -1.31 -1.96
N TYR D 73 32.87 -2.39 -2.77
CA TYR D 73 33.73 -3.58 -2.70
C TYR D 73 35.21 -3.25 -2.58
N GLU D 74 35.64 -2.07 -3.11
CA GLU D 74 37.02 -1.55 -3.05
C GLU D 74 37.26 -0.61 -1.84
N SER D 75 36.30 -0.52 -0.90
CA SER D 75 36.34 0.33 0.31
C SER D 75 36.38 1.84 -0.01
N ASP D 76 35.66 2.26 -1.09
CA ASP D 76 35.61 3.65 -1.55
C ASP D 76 34.32 4.37 -1.22
N VAL D 77 34.43 5.61 -0.71
CA VAL D 77 33.27 6.46 -0.38
C VAL D 77 32.83 7.14 -1.66
N LEU D 78 31.64 6.77 -2.10
CA LEU D 78 31.05 7.30 -3.33
C LEU D 78 29.65 7.85 -3.06
N LEU D 79 29.21 8.81 -3.91
CA LEU D 79 27.88 9.40 -3.80
C LEU D 79 26.86 8.44 -4.44
N VAL D 80 25.75 8.20 -3.75
CA VAL D 80 24.70 7.31 -4.27
C VAL D 80 23.94 7.98 -5.41
N GLY D 81 24.01 7.40 -6.62
CA GLY D 81 23.25 7.89 -7.76
C GLY D 81 23.92 7.83 -9.12
N ASP D 82 25.25 7.93 -9.15
CA ASP D 82 26.00 7.99 -10.40
C ASP D 82 25.98 6.73 -11.28
N ASP D 83 26.02 5.55 -10.65
CA ASP D 83 26.07 4.25 -11.31
C ASP D 83 24.78 3.74 -11.88
N PRO D 84 24.86 2.84 -12.90
CA PRO D 84 23.68 2.14 -13.33
C PRO D 84 23.24 1.25 -12.15
N TRP D 85 21.96 1.31 -11.77
CA TRP D 85 21.33 0.59 -10.67
C TRP D 85 21.85 -0.84 -10.42
N GLU D 86 21.75 -1.75 -11.41
CA GLU D 86 22.21 -3.12 -11.20
C GLU D 86 23.73 -3.25 -10.93
N GLU D 87 24.50 -2.23 -11.37
CA GLU D 87 25.94 -2.13 -11.14
C GLU D 87 26.14 -1.67 -9.68
N PHE D 88 25.22 -0.85 -9.16
CA PHE D 88 25.28 -0.37 -7.79
C PHE D 88 24.92 -1.51 -6.84
N VAL D 89 23.81 -2.17 -7.12
CA VAL D 89 23.26 -3.31 -6.37
C VAL D 89 24.39 -4.37 -6.15
N GLY D 90 25.26 -4.53 -7.13
CA GLY D 90 26.37 -5.48 -7.04
C GLY D 90 27.59 -5.03 -6.27
N CYS D 91 27.84 -3.73 -6.25
CA CYS D 91 28.99 -3.04 -5.65
C CYS D 91 28.82 -2.57 -4.22
N VAL D 92 27.61 -2.15 -3.83
CA VAL D 92 27.29 -1.59 -2.52
C VAL D 92 27.61 -2.48 -1.31
N ARG D 93 28.42 -1.95 -0.37
CA ARG D 93 28.81 -2.65 0.87
C ARG D 93 28.11 -2.07 2.12
N CYS D 94 27.99 -0.74 2.20
CA CYS D 94 27.23 -0.05 3.23
C CYS D 94 26.96 1.37 2.84
N ILE D 95 25.86 1.93 3.36
CA ILE D 95 25.32 3.26 3.09
C ILE D 95 25.42 4.16 4.34
N ARG D 96 25.70 5.45 4.15
CA ARG D 96 25.79 6.40 5.26
C ARG D 96 25.15 7.73 4.90
N ILE D 97 24.41 8.30 5.85
CA ILE D 97 23.80 9.62 5.71
C ILE D 97 24.79 10.61 6.32
N LEU D 98 25.20 11.59 5.50
CA LEU D 98 26.14 12.62 5.89
C LEU D 98 25.39 13.93 6.08
N SER D 99 25.54 14.54 7.28
CA SER D 99 24.92 15.82 7.63
C SER D 99 25.75 16.95 7.00
N PRO D 100 25.16 18.11 6.62
CA PRO D 100 25.98 19.20 6.05
C PRO D 100 27.27 19.53 6.83
N THR D 101 27.28 19.17 8.12
CA THR D 101 28.39 19.36 9.06
C THR D 101 29.46 18.26 8.88
N GLU D 102 29.03 16.97 8.77
CA GLU D 102 29.89 15.77 8.57
C GLU D 102 30.67 15.88 7.24
N VAL D 103 30.02 16.49 6.21
CA VAL D 103 30.51 16.73 4.84
C VAL D 103 31.73 17.65 4.89
N GLN D 104 31.56 18.86 5.48
CA GLN D 104 32.62 19.85 5.61
C GLN D 104 33.71 19.41 6.58
N GLN D 105 33.38 18.59 7.60
CA GLN D 105 34.32 18.04 8.59
C GLN D 105 35.38 17.17 7.88
N MET D 106 34.92 16.39 6.87
CA MET D 106 35.68 15.48 6.00
C MET D 106 36.63 16.26 5.08
N SER D 107 36.15 17.43 4.56
CA SER D 107 36.91 18.32 3.68
C SER D 107 37.99 19.08 4.43
N GLU D 108 37.80 19.30 5.75
CA GLU D 108 38.77 19.96 6.63
C GLU D 108 40.05 19.12 6.71
N GLU D 109 39.89 17.78 6.81
CA GLU D 109 40.97 16.78 6.88
C GLU D 109 41.83 16.78 5.60
N ARG E 18 -16.80 -12.19 15.01
CA ARG E 18 -17.73 -11.19 14.44
C ARG E 18 -18.32 -10.26 15.53
N THR E 19 -17.96 -8.95 15.48
CA THR E 19 -18.44 -7.90 16.42
C THR E 19 -18.66 -6.59 15.65
N TYR E 20 -17.80 -6.35 14.63
CA TYR E 20 -17.83 -5.17 13.77
C TYR E 20 -18.56 -5.57 12.50
N THR E 21 -19.20 -4.60 11.84
CA THR E 21 -20.01 -4.80 10.62
C THR E 21 -19.23 -4.33 9.38
N LYS E 22 -19.19 -5.20 8.33
CA LYS E 22 -18.54 -4.92 7.04
C LYS E 22 -19.30 -3.87 6.31
N VAL E 23 -18.59 -2.96 5.63
CA VAL E 23 -19.16 -1.92 4.77
C VAL E 23 -18.51 -2.15 3.42
N GLN E 24 -19.35 -2.41 2.43
CA GLN E 24 -18.85 -2.75 1.12
C GLN E 24 -19.30 -1.90 -0.06
N LYS E 25 -18.43 -1.79 -1.06
CA LYS E 25 -18.68 -1.05 -2.28
C LYS E 25 -17.90 -1.75 -3.38
N THR E 26 -18.57 -2.03 -4.48
CA THR E 26 -18.03 -2.70 -5.63
C THR E 26 -16.92 -1.85 -6.26
N GLY E 27 -15.71 -2.44 -6.37
CA GLY E 27 -14.55 -1.78 -6.94
C GLY E 27 -13.80 -1.03 -5.88
N SER E 28 -14.20 -1.21 -4.61
CA SER E 28 -13.56 -0.61 -3.46
C SER E 28 -13.20 -1.67 -2.43
N VAL E 29 -12.09 -1.43 -1.68
CA VAL E 29 -11.60 -2.25 -0.58
C VAL E 29 -12.66 -2.06 0.50
N GLY E 30 -13.15 -3.18 1.03
CA GLY E 30 -14.15 -3.21 2.08
C GLY E 30 -13.66 -2.63 3.39
N ARG E 31 -14.62 -2.36 4.31
CA ARG E 31 -14.30 -1.80 5.63
C ARG E 31 -15.04 -2.56 6.72
N SER E 32 -14.77 -2.22 7.99
CA SER E 32 -15.44 -2.78 9.14
C SER E 32 -15.66 -1.66 10.17
N ILE E 33 -16.91 -1.50 10.64
CA ILE E 33 -17.26 -0.47 11.62
C ILE E 33 -17.98 -1.05 12.81
N ASP E 34 -17.83 -0.40 13.98
CA ASP E 34 -18.57 -0.78 15.18
C ASP E 34 -19.85 0.01 15.09
N VAL E 35 -20.93 -0.63 14.58
CA VAL E 35 -22.23 0.03 14.40
C VAL E 35 -22.73 0.73 15.67
N THR E 36 -22.51 0.12 16.84
CA THR E 36 -22.93 0.61 18.15
C THR E 36 -22.28 1.94 18.54
N SER E 37 -21.03 2.21 18.08
CA SER E 37 -20.29 3.45 18.33
C SER E 37 -20.94 4.70 17.69
N PHE E 38 -22.14 4.55 17.10
CA PHE E 38 -22.96 5.60 16.49
C PHE E 38 -24.30 5.70 17.24
N LYS E 39 -24.76 6.96 17.46
CA LYS E 39 -26.00 7.25 18.17
C LYS E 39 -27.21 7.14 17.25
N ASP E 40 -27.02 7.51 15.94
CA ASP E 40 -28.08 7.54 14.93
C ASP E 40 -27.59 7.30 13.48
N TYR E 41 -28.56 7.14 12.54
CA TYR E 41 -28.32 6.90 11.12
C TYR E 41 -27.53 8.04 10.46
N GLU E 42 -27.80 9.32 10.83
CA GLU E 42 -27.10 10.50 10.28
C GLU E 42 -25.58 10.36 10.53
N GLU E 43 -25.21 9.88 11.74
CA GLU E 43 -23.83 9.64 12.12
C GLU E 43 -23.26 8.47 11.29
N LEU E 44 -24.01 7.32 11.20
CA LEU E 44 -23.62 6.13 10.43
C LEU E 44 -23.33 6.47 8.99
N LYS E 45 -24.28 7.17 8.31
CA LYS E 45 -24.21 7.61 6.93
C LYS E 45 -23.01 8.54 6.70
N SER E 46 -22.78 9.55 7.60
CA SER E 46 -21.64 10.50 7.50
C SER E 46 -20.26 9.77 7.53
N ALA E 47 -20.08 8.83 8.49
CA ALA E 47 -18.85 8.04 8.63
C ALA E 47 -18.55 7.25 7.35
N ILE E 48 -19.53 6.48 6.85
CA ILE E 48 -19.47 5.68 5.64
C ILE E 48 -19.11 6.53 4.41
N GLU E 49 -19.71 7.75 4.30
CA GLU E 49 -19.44 8.73 3.25
C GLU E 49 -17.98 9.21 3.26
N CYS E 50 -17.39 9.37 4.46
CA CYS E 50 -15.99 9.81 4.57
C CYS E 50 -15.04 8.70 4.14
N MET E 51 -15.27 7.49 4.67
CA MET E 51 -14.54 6.25 4.44
C MET E 51 -14.39 5.85 2.99
N PHE E 52 -15.43 6.17 2.16
CA PHE E 52 -15.51 5.81 0.74
C PHE E 52 -15.54 7.03 -0.23
N GLY E 53 -15.41 8.25 0.32
CA GLY E 53 -15.41 9.50 -0.43
C GLY E 53 -16.69 9.73 -1.18
N LEU E 54 -17.82 9.76 -0.44
CA LEU E 54 -19.19 9.90 -0.96
C LEU E 54 -19.98 10.99 -0.22
N GLU E 55 -19.27 11.97 0.35
CA GLU E 55 -19.80 13.11 1.11
C GLU E 55 -21.06 13.74 0.47
N GLY E 56 -22.23 13.45 1.05
CA GLY E 56 -23.53 13.96 0.61
C GLY E 56 -24.33 13.07 -0.33
N LEU E 57 -23.83 11.86 -0.64
CA LEU E 57 -24.52 10.93 -1.55
C LEU E 57 -25.53 10.04 -0.85
N LEU E 58 -25.22 9.55 0.35
CA LEU E 58 -26.12 8.66 1.08
C LEU E 58 -27.09 9.42 1.99
N THR E 59 -26.71 10.66 2.42
CA THR E 59 -27.55 11.52 3.26
C THR E 59 -28.75 12.11 2.50
N HIS E 60 -28.50 12.82 1.36
CA HIS E 60 -29.54 13.39 0.48
C HIS E 60 -29.67 12.39 -0.69
N PRO E 61 -30.56 11.36 -0.59
CA PRO E 61 -30.58 10.34 -1.66
C PRO E 61 -31.38 10.72 -2.89
N GLN E 62 -32.44 11.54 -2.73
CA GLN E 62 -33.35 12.02 -3.78
C GLN E 62 -32.59 12.47 -5.05
N SER E 63 -31.60 13.37 -4.89
CA SER E 63 -30.76 13.93 -5.95
C SER E 63 -29.50 13.09 -6.26
N SER E 64 -29.32 11.94 -5.58
CA SER E 64 -28.14 11.08 -5.80
C SER E 64 -28.40 9.71 -6.44
N GLY E 65 -29.47 9.02 -6.03
CA GLY E 65 -29.80 7.68 -6.53
C GLY E 65 -29.05 6.57 -5.80
N TRP E 66 -28.04 6.97 -5.00
CA TRP E 66 -27.20 6.09 -4.18
C TRP E 66 -28.02 5.58 -3.02
N LYS E 67 -28.00 4.27 -2.82
CA LYS E 67 -28.75 3.60 -1.78
C LYS E 67 -27.79 2.95 -0.80
N LEU E 68 -27.98 3.15 0.51
CA LEU E 68 -27.18 2.44 1.51
C LEU E 68 -28.04 1.27 1.99
N VAL E 69 -27.70 0.05 1.55
CA VAL E 69 -28.47 -1.14 1.92
C VAL E 69 -27.76 -1.96 3.00
N TYR E 70 -28.48 -2.86 3.64
CA TYR E 70 -27.91 -3.76 4.63
C TYR E 70 -28.52 -5.16 4.51
N VAL E 71 -27.87 -6.13 5.14
CA VAL E 71 -28.33 -7.51 5.19
C VAL E 71 -28.58 -7.82 6.64
N ASP E 72 -29.82 -8.20 6.97
CA ASP E 72 -30.15 -8.53 8.35
C ASP E 72 -29.92 -10.01 8.71
N TYR E 73 -30.14 -10.33 10.00
CA TYR E 73 -30.02 -11.65 10.62
C TYR E 73 -30.81 -12.73 9.89
N GLU E 74 -31.86 -12.34 9.12
CA GLU E 74 -32.70 -13.28 8.37
C GLU E 74 -32.29 -13.35 6.89
N SER E 75 -31.12 -12.81 6.56
CA SER E 75 -30.53 -12.80 5.22
C SER E 75 -31.28 -11.96 4.16
N ASP E 76 -32.06 -10.97 4.63
CA ASP E 76 -32.84 -10.10 3.76
C ASP E 76 -32.13 -8.78 3.42
N VAL E 77 -32.08 -8.39 2.12
CA VAL E 77 -31.52 -7.10 1.72
C VAL E 77 -32.59 -6.00 1.95
N LEU E 78 -32.28 -5.03 2.86
CA LEU E 78 -33.17 -3.93 3.26
C LEU E 78 -32.43 -2.58 3.24
N LEU E 79 -33.18 -1.48 2.95
CA LEU E 79 -32.69 -0.09 2.92
C LEU E 79 -32.43 0.35 4.37
N VAL E 80 -31.25 0.93 4.63
CA VAL E 80 -30.81 1.43 5.94
C VAL E 80 -31.60 2.70 6.23
N GLY E 81 -32.31 2.72 7.36
CA GLY E 81 -33.00 3.92 7.81
C GLY E 81 -34.46 3.84 8.16
N ASP E 82 -35.13 2.74 7.82
CA ASP E 82 -36.55 2.55 8.09
C ASP E 82 -36.84 2.14 9.53
N ASP E 83 -36.03 1.25 10.10
CA ASP E 83 -36.23 0.72 11.43
C ASP E 83 -35.79 1.61 12.57
N PRO E 84 -36.36 1.44 13.80
CA PRO E 84 -35.80 2.16 14.96
C PRO E 84 -34.29 1.85 15.10
N TRP E 85 -33.43 2.88 15.27
CA TRP E 85 -31.97 2.69 15.38
C TRP E 85 -31.57 1.53 16.29
N GLU E 86 -32.28 1.34 17.41
CA GLU E 86 -32.00 0.28 18.37
C GLU E 86 -32.21 -1.10 17.79
N GLU E 87 -33.25 -1.22 16.98
CA GLU E 87 -33.64 -2.44 16.30
C GLU E 87 -32.56 -2.74 15.30
N PHE E 88 -32.26 -1.77 14.39
CA PHE E 88 -31.23 -1.89 13.37
C PHE E 88 -29.91 -2.43 13.93
N VAL E 89 -29.34 -1.76 14.93
CA VAL E 89 -28.10 -2.12 15.60
C VAL E 89 -27.90 -3.65 15.84
N GLY E 90 -28.94 -4.32 16.32
CA GLY E 90 -28.92 -5.76 16.59
C GLY E 90 -29.31 -6.65 15.42
N CYS E 91 -29.81 -6.05 14.32
CA CYS E 91 -30.23 -6.81 13.12
C CYS E 91 -29.26 -6.81 11.99
N VAL E 92 -28.52 -5.71 11.83
CA VAL E 92 -27.54 -5.55 10.78
C VAL E 92 -26.47 -6.67 10.86
N ARG E 93 -26.07 -7.20 9.69
CA ARG E 93 -25.02 -8.21 9.57
C ARG E 93 -23.92 -7.67 8.68
N CYS E 94 -24.33 -6.91 7.66
CA CYS E 94 -23.45 -6.11 6.80
C CYS E 94 -24.15 -5.06 6.03
N ILE E 95 -23.41 -3.99 5.71
CA ILE E 95 -23.84 -2.82 4.97
C ILE E 95 -23.14 -2.86 3.62
N ARG E 96 -23.81 -2.31 2.58
CA ARG E 96 -23.37 -2.25 1.19
C ARG E 96 -23.83 -0.97 0.55
N ILE E 97 -22.92 -0.31 -0.15
CA ILE E 97 -23.20 0.94 -0.81
C ILE E 97 -23.55 0.58 -2.22
N LEU E 98 -24.76 0.97 -2.65
CA LEU E 98 -25.25 0.73 -4.01
C LEU E 98 -25.24 1.98 -4.87
N SER E 99 -24.47 1.90 -5.97
CA SER E 99 -24.36 2.95 -6.98
C SER E 99 -25.60 2.92 -7.89
N PRO E 100 -26.04 4.06 -8.50
CA PRO E 100 -27.23 4.05 -9.37
C PRO E 100 -27.29 2.95 -10.45
N THR E 101 -26.16 2.55 -11.02
CA THR E 101 -26.07 1.48 -12.02
C THR E 101 -26.41 0.10 -11.42
N GLU E 102 -25.77 -0.27 -10.26
CA GLU E 102 -25.93 -1.51 -9.49
C GLU E 102 -27.41 -1.77 -9.13
N VAL E 103 -28.12 -0.66 -8.88
CA VAL E 103 -29.54 -0.57 -8.53
C VAL E 103 -30.39 -1.09 -9.72
N GLN E 104 -30.12 -0.57 -10.93
CA GLN E 104 -30.80 -0.95 -12.17
C GLN E 104 -30.59 -2.43 -12.50
N GLN E 105 -29.34 -2.91 -12.32
CA GLN E 105 -28.85 -4.28 -12.50
C GLN E 105 -29.55 -5.30 -11.58
N MET E 106 -30.05 -4.84 -10.39
CA MET E 106 -30.73 -5.69 -9.42
C MET E 106 -32.04 -6.31 -9.94
N SER E 107 -32.75 -5.59 -10.83
CA SER E 107 -33.98 -6.07 -11.48
C SER E 107 -33.72 -7.31 -12.37
N GLU E 108 -32.57 -7.33 -13.10
CA GLU E 108 -32.13 -8.41 -13.99
C GLU E 108 -31.47 -9.54 -13.19
N LYS E 112 -34.61 -12.15 -14.14
CA LYS E 112 -33.96 -13.13 -15.03
C LYS E 112 -33.94 -14.52 -14.38
N LEU E 113 -33.84 -14.57 -13.03
CA LEU E 113 -33.89 -15.79 -12.21
C LEU E 113 -35.34 -16.31 -12.09
N LEU E 114 -36.34 -15.40 -12.18
CA LEU E 114 -37.77 -15.75 -12.12
C LEU E 114 -38.12 -16.53 -13.38
N ASN E 115 -37.63 -16.07 -14.56
CA ASN E 115 -37.81 -16.73 -15.86
C ASN E 115 -37.05 -18.06 -15.91
N SER E 116 -35.95 -18.19 -15.11
CA SER E 116 -35.13 -19.40 -14.98
C SER E 116 -35.90 -20.48 -14.21
N ALA E 117 -36.39 -20.15 -13.00
CA ALA E 117 -37.18 -21.02 -12.12
C ALA E 117 -38.55 -21.36 -12.72
N GLY E 118 -39.13 -20.43 -13.46
CA GLY E 118 -40.42 -20.60 -14.13
C GLY E 118 -40.33 -21.68 -15.19
N ILE E 119 -39.41 -21.50 -16.17
CA ILE E 119 -39.14 -22.42 -17.26
C ILE E 119 -38.43 -23.66 -16.73
N ARG F 18 3.35 8.31 -38.98
CA ARG F 18 2.47 7.50 -38.11
C ARG F 18 2.19 6.03 -38.55
N THR F 19 3.00 5.07 -38.04
CA THR F 19 2.88 3.63 -38.34
C THR F 19 2.13 2.79 -37.26
N TYR F 20 1.68 3.47 -36.17
CA TYR F 20 0.96 2.81 -35.08
C TYR F 20 -0.53 3.15 -35.17
N THR F 21 -1.37 2.12 -34.97
CA THR F 21 -2.83 2.18 -35.04
C THR F 21 -3.35 2.61 -33.68
N LYS F 22 -4.28 3.59 -33.64
CA LYS F 22 -4.86 4.05 -32.38
C LYS F 22 -5.97 3.10 -31.93
N VAL F 23 -6.06 2.87 -30.61
CA VAL F 23 -7.10 2.05 -29.94
C VAL F 23 -7.82 3.02 -28.97
N GLN F 24 -9.14 3.09 -29.02
CA GLN F 24 -9.89 4.06 -28.21
C GLN F 24 -11.21 3.57 -27.61
N LYS F 25 -11.38 3.84 -26.30
CA LYS F 25 -12.63 3.61 -25.54
C LYS F 25 -13.17 5.03 -25.21
N THR F 26 -14.48 5.32 -25.44
CA THR F 26 -15.04 6.64 -25.12
C THR F 26 -15.14 6.78 -23.61
N GLY F 27 -14.61 7.89 -23.09
CA GLY F 27 -14.54 8.19 -21.66
C GLY F 27 -13.21 7.81 -21.02
N SER F 28 -12.50 6.87 -21.65
CA SER F 28 -11.20 6.37 -21.23
C SER F 28 -10.08 7.00 -22.11
N VAL F 29 -8.81 7.09 -21.58
CA VAL F 29 -7.61 7.61 -22.27
C VAL F 29 -7.25 6.63 -23.39
N GLY F 30 -6.94 7.14 -24.59
CA GLY F 30 -6.59 6.33 -25.75
C GLY F 30 -5.21 5.70 -25.66
N ARG F 31 -4.89 4.80 -26.61
CA ARG F 31 -3.61 4.08 -26.71
C ARG F 31 -3.24 3.87 -28.18
N SER F 32 -2.02 3.34 -28.44
CA SER F 32 -1.50 3.01 -29.78
C SER F 32 -0.86 1.63 -29.77
N ILE F 33 -1.08 0.85 -30.83
CA ILE F 33 -0.44 -0.47 -30.97
C ILE F 33 0.11 -0.62 -32.37
N ASP F 34 1.02 -1.58 -32.55
CA ASP F 34 1.55 -1.92 -33.85
C ASP F 34 0.87 -3.25 -34.20
N VAL F 35 -0.20 -3.21 -35.02
CA VAL F 35 -0.95 -4.40 -35.42
C VAL F 35 -0.04 -5.47 -36.04
N THR F 36 1.01 -5.03 -36.77
CA THR F 36 2.01 -5.87 -37.43
C THR F 36 2.88 -6.69 -36.43
N SER F 37 2.78 -6.40 -35.10
CA SER F 37 3.52 -7.14 -34.08
C SER F 37 2.69 -8.36 -33.57
N PHE F 38 1.53 -8.64 -34.20
CA PHE F 38 0.66 -9.77 -33.85
C PHE F 38 0.51 -10.74 -35.02
N LYS F 39 0.49 -12.03 -34.69
CA LYS F 39 0.36 -13.11 -35.69
C LYS F 39 -1.11 -13.25 -36.09
N ASP F 40 -2.04 -12.96 -35.17
CA ASP F 40 -3.46 -13.15 -35.40
C ASP F 40 -4.37 -12.21 -34.61
N TYR F 41 -5.68 -12.45 -34.74
CA TYR F 41 -6.78 -11.74 -34.12
C TYR F 41 -6.83 -11.93 -32.63
N GLU F 42 -6.57 -13.18 -32.15
CA GLU F 42 -6.57 -13.54 -30.73
C GLU F 42 -5.40 -12.93 -29.97
N GLU F 43 -4.24 -12.72 -30.65
CA GLU F 43 -3.07 -12.06 -30.03
C GLU F 43 -3.40 -10.56 -29.86
N LEU F 44 -4.01 -9.96 -30.89
CA LEU F 44 -4.43 -8.57 -30.90
C LEU F 44 -5.51 -8.30 -29.84
N LYS F 45 -6.60 -9.11 -29.85
CA LYS F 45 -7.73 -8.97 -28.92
C LYS F 45 -7.32 -9.00 -27.45
N SER F 46 -6.38 -9.89 -27.11
CA SER F 46 -5.86 -10.07 -25.75
C SER F 46 -5.02 -8.86 -25.29
N ALA F 47 -4.09 -8.37 -26.18
CA ALA F 47 -3.24 -7.19 -25.91
C ALA F 47 -4.10 -5.97 -25.59
N ILE F 48 -5.19 -5.71 -26.38
CA ILE F 48 -6.14 -4.61 -26.18
C ILE F 48 -6.87 -4.75 -24.83
N GLU F 49 -7.36 -5.97 -24.53
CA GLU F 49 -8.03 -6.33 -23.26
C GLU F 49 -7.12 -5.98 -22.09
N CYS F 50 -5.82 -6.31 -22.18
CA CYS F 50 -4.82 -5.98 -21.15
C CYS F 50 -4.75 -4.46 -20.99
N MET F 51 -4.37 -3.75 -22.06
CA MET F 51 -4.24 -2.31 -22.02
C MET F 51 -5.45 -1.57 -21.43
N PHE F 52 -6.66 -2.15 -21.57
CA PHE F 52 -7.91 -1.54 -21.10
C PHE F 52 -8.56 -2.20 -19.84
N GLY F 53 -8.00 -3.33 -19.41
CA GLY F 53 -8.44 -4.06 -18.23
C GLY F 53 -9.79 -4.73 -18.40
N LEU F 54 -10.08 -5.18 -19.65
CA LEU F 54 -11.32 -5.83 -20.08
C LEU F 54 -11.09 -7.31 -20.41
N GLU F 55 -10.17 -7.97 -19.67
CA GLU F 55 -9.82 -9.38 -19.87
C GLU F 55 -11.05 -10.30 -19.92
N GLY F 56 -11.23 -10.95 -21.07
CA GLY F 56 -12.32 -11.90 -21.30
C GLY F 56 -13.52 -11.37 -22.07
N LEU F 57 -13.82 -10.05 -21.92
CA LEU F 57 -14.97 -9.38 -22.54
C LEU F 57 -14.91 -9.28 -24.09
N LEU F 58 -13.73 -8.93 -24.63
CA LEU F 58 -13.57 -8.76 -26.08
C LEU F 58 -13.29 -10.08 -26.80
N THR F 59 -12.89 -11.13 -26.06
CA THR F 59 -12.59 -12.44 -26.63
C THR F 59 -13.84 -13.33 -26.73
N HIS F 60 -14.81 -13.15 -25.79
CA HIS F 60 -16.04 -13.92 -25.78
C HIS F 60 -17.12 -13.19 -26.59
N PRO F 61 -17.59 -13.78 -27.72
CA PRO F 61 -18.61 -13.11 -28.53
C PRO F 61 -20.04 -13.42 -28.08
N GLN F 62 -20.38 -14.71 -27.91
CA GLN F 62 -21.69 -15.18 -27.47
C GLN F 62 -21.90 -14.97 -25.97
N SER F 63 -20.81 -14.67 -25.23
CA SER F 63 -20.85 -14.47 -23.78
C SER F 63 -20.92 -13.00 -23.40
N SER F 64 -20.11 -12.14 -24.05
CA SER F 64 -20.08 -10.71 -23.76
C SER F 64 -20.63 -9.81 -24.86
N GLY F 65 -21.24 -8.70 -24.45
CA GLY F 65 -21.85 -7.69 -25.31
C GLY F 65 -20.89 -6.61 -25.79
N TRP F 66 -19.62 -6.69 -25.36
CA TRP F 66 -18.55 -5.79 -25.73
C TRP F 66 -18.14 -6.06 -27.17
N LYS F 67 -18.12 -5.02 -28.00
CA LYS F 67 -17.72 -5.15 -29.41
C LYS F 67 -16.42 -4.40 -29.68
N LEU F 68 -15.52 -5.02 -30.45
CA LEU F 68 -14.26 -4.42 -30.87
C LEU F 68 -14.37 -4.20 -32.37
N VAL F 69 -14.42 -2.91 -32.77
CA VAL F 69 -14.58 -2.46 -34.14
C VAL F 69 -13.34 -1.71 -34.62
N TYR F 70 -13.31 -1.37 -35.92
CA TYR F 70 -12.24 -0.61 -36.55
C TYR F 70 -12.76 0.22 -37.70
N VAL F 71 -12.07 1.32 -38.00
CA VAL F 71 -12.34 2.21 -39.13
C VAL F 71 -11.25 1.91 -40.18
N ASP F 72 -11.67 1.49 -41.38
CA ASP F 72 -10.74 1.15 -42.45
C ASP F 72 -10.35 2.33 -43.34
N TYR F 73 -9.62 2.02 -44.43
CA TYR F 73 -9.12 3.01 -45.40
C TYR F 73 -10.22 3.83 -46.09
N GLU F 74 -11.45 3.25 -46.22
CA GLU F 74 -12.62 3.88 -46.85
C GLU F 74 -13.59 4.46 -45.82
N SER F 75 -13.12 4.65 -44.56
CA SER F 75 -13.87 5.21 -43.42
C SER F 75 -15.07 4.39 -43.00
N ASP F 76 -15.00 3.06 -43.17
CA ASP F 76 -16.09 2.17 -42.80
C ASP F 76 -15.86 1.54 -41.42
N VAL F 77 -16.90 1.56 -40.56
CA VAL F 77 -16.89 1.02 -39.19
C VAL F 77 -17.20 -0.50 -39.27
N LEU F 78 -16.19 -1.34 -39.04
CA LEU F 78 -16.38 -2.78 -39.18
C LEU F 78 -15.93 -3.57 -37.95
N LEU F 79 -16.62 -4.68 -37.67
CA LEU F 79 -16.29 -5.57 -36.56
C LEU F 79 -14.92 -6.24 -36.78
N VAL F 80 -14.02 -6.18 -35.79
CA VAL F 80 -12.70 -6.81 -35.89
C VAL F 80 -12.86 -8.34 -35.81
N GLY F 81 -12.57 -9.04 -36.92
CA GLY F 81 -12.57 -10.49 -36.93
C GLY F 81 -12.94 -11.19 -38.21
N ASP F 82 -13.67 -10.49 -39.10
CA ASP F 82 -14.23 -11.01 -40.35
C ASP F 82 -13.26 -11.28 -41.49
N ASP F 83 -12.32 -10.36 -41.72
CA ASP F 83 -11.36 -10.36 -42.83
C ASP F 83 -10.16 -11.27 -42.60
N PRO F 84 -9.48 -11.83 -43.65
CA PRO F 84 -8.24 -12.55 -43.39
C PRO F 84 -7.27 -11.59 -42.69
N TRP F 85 -6.60 -12.04 -41.60
CA TRP F 85 -5.69 -11.21 -40.79
C TRP F 85 -4.86 -10.25 -41.65
N GLU F 86 -4.07 -10.80 -42.58
CA GLU F 86 -3.17 -10.16 -43.53
C GLU F 86 -3.81 -8.95 -44.23
N GLU F 87 -5.11 -9.06 -44.56
CA GLU F 87 -5.91 -8.02 -45.20
C GLU F 87 -6.23 -6.94 -44.18
N PHE F 88 -6.70 -7.35 -42.97
CA PHE F 88 -7.06 -6.44 -41.88
C PHE F 88 -5.91 -5.52 -41.53
N VAL F 89 -4.68 -6.06 -41.47
CA VAL F 89 -3.48 -5.29 -41.16
C VAL F 89 -3.34 -4.10 -42.13
N GLY F 90 -3.61 -4.34 -43.41
CA GLY F 90 -3.53 -3.31 -44.44
C GLY F 90 -4.60 -2.23 -44.40
N CYS F 91 -5.86 -2.61 -44.09
CA CYS F 91 -7.03 -1.74 -44.05
C CYS F 91 -7.15 -0.86 -42.84
N VAL F 92 -7.01 -1.45 -41.64
CA VAL F 92 -7.12 -0.77 -40.35
C VAL F 92 -6.40 0.58 -40.31
N ARG F 93 -7.10 1.59 -39.80
CA ARG F 93 -6.55 2.94 -39.64
C ARG F 93 -6.63 3.31 -38.15
N CYS F 94 -7.75 2.90 -37.53
CA CYS F 94 -8.11 3.21 -36.17
C CYS F 94 -8.93 2.06 -35.62
N ILE F 95 -8.80 1.76 -34.31
CA ILE F 95 -9.54 0.68 -33.61
C ILE F 95 -10.37 1.31 -32.46
N ARG F 96 -11.57 0.78 -32.17
CA ARG F 96 -12.43 1.31 -31.09
C ARG F 96 -13.18 0.24 -30.26
N ILE F 97 -13.13 0.39 -28.92
CA ILE F 97 -13.83 -0.48 -27.97
C ILE F 97 -15.20 0.11 -27.71
N LEU F 98 -16.22 -0.72 -27.98
CA LEU F 98 -17.65 -0.42 -27.85
C LEU F 98 -18.28 -1.22 -26.71
N SER F 99 -18.67 -0.51 -25.63
CA SER F 99 -19.33 -1.08 -24.47
C SER F 99 -20.73 -1.49 -24.90
N PRO F 100 -21.34 -2.51 -24.24
CA PRO F 100 -22.72 -2.91 -24.65
C PRO F 100 -23.73 -1.75 -24.79
N THR F 101 -23.58 -0.67 -23.96
CA THR F 101 -24.42 0.54 -23.95
C THR F 101 -24.18 1.39 -25.21
N GLU F 102 -22.89 1.58 -25.60
CA GLU F 102 -22.44 2.34 -26.78
C GLU F 102 -23.01 1.75 -28.07
N VAL F 103 -23.18 0.41 -28.07
CA VAL F 103 -23.74 -0.41 -29.15
C VAL F 103 -25.25 -0.14 -29.24
N GLN F 104 -25.94 -0.09 -28.08
CA GLN F 104 -27.38 0.21 -27.96
C GLN F 104 -27.65 1.62 -28.50
N GLN F 105 -26.76 2.58 -28.20
CA GLN F 105 -26.83 3.98 -28.64
C GLN F 105 -26.70 4.12 -30.17
N MET F 106 -25.85 3.27 -30.80
CA MET F 106 -25.60 3.28 -32.25
C MET F 106 -26.85 2.98 -33.05
N SER F 107 -27.67 2.01 -32.58
CA SER F 107 -28.95 1.65 -33.20
C SER F 107 -29.98 2.78 -33.08
N GLU F 108 -29.88 3.61 -32.01
CA GLU F 108 -30.75 4.75 -31.74
C GLU F 108 -30.31 5.94 -32.61
N ARG G 18 -19.57 37.11 35.94
CA ARG G 18 -19.10 35.74 35.71
C ARG G 18 -20.09 34.61 36.12
N THR G 19 -21.18 34.44 35.33
CA THR G 19 -22.23 33.41 35.53
C THR G 19 -22.04 32.20 34.57
N TYR G 20 -21.15 32.36 33.57
CA TYR G 20 -20.77 31.35 32.59
C TYR G 20 -19.51 30.62 33.07
N THR G 21 -19.34 29.38 32.62
CA THR G 21 -18.24 28.51 33.05
C THR G 21 -17.16 28.37 31.96
N LYS G 22 -15.92 28.77 32.30
CA LYS G 22 -14.77 28.67 31.39
C LYS G 22 -14.48 27.22 31.02
N VAL G 23 -14.27 26.95 29.73
CA VAL G 23 -13.88 25.63 29.23
C VAL G 23 -12.52 25.87 28.57
N GLN G 24 -11.44 25.32 29.17
CA GLN G 24 -10.08 25.56 28.66
C GLN G 24 -9.33 24.30 28.25
N LYS G 25 -8.44 24.45 27.26
CA LYS G 25 -7.56 23.42 26.70
C LYS G 25 -6.26 24.16 26.29
N THR G 26 -5.10 23.64 26.75
CA THR G 26 -3.75 24.15 26.52
C THR G 26 -3.50 24.25 25.00
N GLY G 27 -3.04 25.42 24.57
CA GLY G 27 -2.76 25.70 23.17
C GLY G 27 -3.98 26.07 22.36
N SER G 28 -5.13 26.10 23.01
CA SER G 28 -6.38 26.45 22.35
C SER G 28 -7.00 27.66 23.03
N VAL G 29 -7.67 28.49 22.23
CA VAL G 29 -8.40 29.66 22.72
C VAL G 29 -9.56 29.09 23.56
N GLY G 30 -9.72 29.57 24.80
CA GLY G 30 -10.75 29.09 25.72
C GLY G 30 -12.18 29.40 25.29
N ARG G 31 -13.16 28.73 25.91
CA ARG G 31 -14.60 28.94 25.63
C ARG G 31 -15.42 29.19 26.91
N SER G 32 -16.71 29.57 26.79
CA SER G 32 -17.54 29.84 27.95
C SER G 32 -18.98 29.42 27.77
N ILE G 33 -19.36 28.28 28.40
CA ILE G 33 -20.72 27.74 28.38
C ILE G 33 -21.49 28.11 29.62
N ASP G 34 -22.84 28.06 29.50
CA ASP G 34 -23.81 28.15 30.58
C ASP G 34 -24.12 26.69 30.89
N VAL G 35 -23.59 26.13 32.00
CA VAL G 35 -23.84 24.72 32.37
C VAL G 35 -25.34 24.40 32.51
N THR G 36 -26.12 25.36 33.05
CA THR G 36 -27.55 25.30 33.31
C THR G 36 -28.40 25.06 32.04
N SER G 37 -27.84 25.31 30.84
CA SER G 37 -28.52 25.09 29.56
C SER G 37 -28.50 23.61 29.13
N PHE G 38 -27.99 22.71 30.01
CA PHE G 38 -27.92 21.26 29.79
C PHE G 38 -28.72 20.47 30.83
N LYS G 39 -29.37 19.41 30.36
CA LYS G 39 -30.24 18.55 31.17
C LYS G 39 -29.44 17.48 31.94
N ASP G 40 -28.27 17.09 31.37
CA ASP G 40 -27.37 16.04 31.87
C ASP G 40 -25.90 16.25 31.44
N TYR G 41 -25.01 15.40 32.00
CA TYR G 41 -23.58 15.39 31.73
C TYR G 41 -23.28 15.01 30.29
N GLU G 42 -24.09 14.15 29.66
CA GLU G 42 -23.85 13.75 28.27
C GLU G 42 -24.06 14.88 27.25
N GLU G 43 -24.99 15.82 27.53
CA GLU G 43 -25.26 16.99 26.67
C GLU G 43 -24.14 18.03 26.77
N LEU G 44 -23.52 18.16 27.96
CA LEU G 44 -22.41 19.07 28.23
C LEU G 44 -21.16 18.55 27.51
N LYS G 45 -20.78 17.26 27.76
CA LYS G 45 -19.65 16.58 27.12
C LYS G 45 -19.73 16.67 25.60
N SER G 46 -20.93 16.39 25.02
CA SER G 46 -21.19 16.43 23.57
C SER G 46 -21.08 17.83 22.97
N ALA G 47 -21.42 18.88 23.74
CA ALA G 47 -21.32 20.26 23.30
C ALA G 47 -19.85 20.71 23.32
N ILE G 48 -19.10 20.31 24.38
CA ILE G 48 -17.67 20.61 24.55
C ILE G 48 -16.85 19.93 23.42
N GLU G 49 -17.36 18.79 22.91
CA GLU G 49 -16.77 18.03 21.81
C GLU G 49 -16.83 18.78 20.47
N CYS G 50 -17.87 19.61 20.27
CA CYS G 50 -18.04 20.40 19.05
C CYS G 50 -17.10 21.59 19.13
N MET G 51 -17.17 22.31 20.26
CA MET G 51 -16.40 23.51 20.60
C MET G 51 -14.89 23.41 20.36
N PHE G 52 -14.29 22.26 20.67
CA PHE G 52 -12.87 22.03 20.55
C PHE G 52 -12.50 20.97 19.49
N GLY G 53 -13.48 20.60 18.66
CA GLY G 53 -13.32 19.63 17.58
C GLY G 53 -12.70 18.30 17.95
N LEU G 54 -13.20 17.67 19.04
CA LEU G 54 -12.73 16.38 19.56
C LEU G 54 -13.89 15.40 19.82
N GLU G 55 -14.74 15.20 18.78
CA GLU G 55 -15.92 14.33 18.81
C GLU G 55 -15.59 12.88 19.15
N GLY G 56 -16.27 12.34 20.16
CA GLY G 56 -16.14 10.96 20.60
C GLY G 56 -15.10 10.69 21.68
N LEU G 57 -14.00 11.45 21.68
CA LEU G 57 -12.86 11.32 22.61
C LEU G 57 -13.16 11.63 24.07
N LEU G 58 -14.21 12.44 24.32
CA LEU G 58 -14.64 12.84 25.67
C LEU G 58 -15.80 11.98 26.19
N THR G 59 -16.59 11.42 25.28
CA THR G 59 -17.73 10.56 25.60
C THR G 59 -17.30 9.10 25.86
N HIS G 60 -16.20 8.65 25.22
CA HIS G 60 -15.70 7.28 25.33
C HIS G 60 -14.29 7.17 25.97
N PRO G 61 -14.11 6.42 27.09
CA PRO G 61 -12.77 6.27 27.67
C PRO G 61 -11.98 5.08 27.07
N GLY G 65 -9.87 7.61 25.81
CA GLY G 65 -8.47 8.03 25.79
C GLY G 65 -8.18 9.37 26.45
N TRP G 66 -9.18 10.25 26.52
CA TRP G 66 -9.02 11.58 27.11
C TRP G 66 -9.60 11.75 28.54
N LYS G 67 -9.48 12.99 29.13
CA LYS G 67 -9.93 13.36 30.48
C LYS G 67 -10.45 14.81 30.61
N LEU G 68 -11.77 14.96 30.85
CA LEU G 68 -12.39 16.27 31.07
C LEU G 68 -12.50 16.43 32.60
N VAL G 69 -11.78 17.43 33.14
CA VAL G 69 -11.71 17.71 34.58
C VAL G 69 -12.31 19.07 34.91
N TYR G 70 -12.58 19.33 36.20
CA TYR G 70 -13.13 20.61 36.65
C TYR G 70 -12.58 21.12 38.00
N VAL G 71 -12.72 22.45 38.24
CA VAL G 71 -12.31 23.07 39.50
C VAL G 71 -13.58 23.58 40.19
N ASP G 72 -13.77 23.25 41.47
CA ASP G 72 -14.95 23.70 42.21
C ASP G 72 -14.67 24.92 43.12
N TYR G 73 -15.71 25.40 43.82
CA TYR G 73 -15.71 26.51 44.79
C TYR G 73 -14.65 26.34 45.93
N GLU G 74 -14.22 25.10 46.19
CA GLU G 74 -13.23 24.82 47.20
C GLU G 74 -11.83 24.69 46.60
N SER G 75 -11.68 25.07 45.31
CA SER G 75 -10.45 25.07 44.50
C SER G 75 -9.76 23.72 44.34
N ASP G 76 -10.56 22.66 44.29
CA ASP G 76 -10.13 21.27 44.11
C ASP G 76 -10.33 20.86 42.66
N VAL G 77 -9.42 20.02 42.12
CA VAL G 77 -9.48 19.48 40.73
C VAL G 77 -10.09 18.09 40.79
N LEU G 78 -11.24 17.94 40.13
CA LEU G 78 -12.03 16.71 40.17
C LEU G 78 -12.42 16.26 38.76
N LEU G 79 -12.81 14.97 38.61
CA LEU G 79 -13.23 14.43 37.32
C LEU G 79 -14.72 14.70 37.06
N VAL G 80 -15.04 15.18 35.84
CA VAL G 80 -16.40 15.45 35.42
C VAL G 80 -17.18 14.13 35.21
N GLY G 81 -18.32 13.98 35.92
CA GLY G 81 -19.19 12.82 35.78
C GLY G 81 -19.67 12.18 37.07
N ASP G 82 -18.80 12.18 38.10
CA ASP G 82 -19.02 11.62 39.42
C ASP G 82 -20.31 12.05 40.18
N ASP G 83 -20.33 13.26 40.77
CA ASP G 83 -21.47 13.73 41.58
C ASP G 83 -22.78 14.01 40.80
N PRO G 84 -23.98 14.06 41.44
CA PRO G 84 -25.19 14.28 40.62
C PRO G 84 -25.15 15.60 39.84
N TRP G 85 -25.75 15.62 38.62
CA TRP G 85 -25.78 16.75 37.71
C TRP G 85 -26.10 18.04 38.45
N GLU G 86 -27.22 18.04 39.20
CA GLU G 86 -27.68 19.17 40.02
C GLU G 86 -26.60 19.66 40.99
N GLU G 87 -25.83 18.72 41.60
CA GLU G 87 -24.74 19.05 42.52
C GLU G 87 -23.63 19.77 41.70
N PHE G 88 -23.14 19.12 40.62
CA PHE G 88 -22.10 19.64 39.74
C PHE G 88 -22.34 21.10 39.25
N VAL G 89 -23.55 21.35 38.75
CA VAL G 89 -23.98 22.64 38.23
C VAL G 89 -23.69 23.83 39.16
N GLY G 90 -23.93 23.67 40.45
CA GLY G 90 -23.70 24.75 41.41
C GLY G 90 -22.32 24.74 42.03
N CYS G 91 -21.55 23.69 41.76
CA CYS G 91 -20.21 23.54 42.32
C CYS G 91 -19.10 23.90 41.39
N VAL G 92 -19.29 23.68 40.07
CA VAL G 92 -18.29 23.97 39.01
C VAL G 92 -17.86 25.45 38.94
N ARG G 93 -16.53 25.73 38.93
CA ARG G 93 -15.99 27.09 38.73
C ARG G 93 -15.51 27.20 37.29
N CYS G 94 -14.71 26.21 36.81
CA CYS G 94 -14.30 26.09 35.41
C CYS G 94 -13.99 24.64 35.04
N ILE G 95 -14.03 24.34 33.72
CA ILE G 95 -13.78 23.02 33.12
C ILE G 95 -12.45 23.05 32.31
N ARG G 96 -11.77 21.88 32.20
CA ARG G 96 -10.50 21.74 31.49
C ARG G 96 -10.37 20.42 30.71
N ILE G 97 -9.89 20.50 29.45
CA ILE G 97 -9.66 19.33 28.59
C ILE G 97 -8.22 18.86 28.71
N LEU G 98 -8.05 17.65 29.27
CA LEU G 98 -6.73 17.05 29.46
C LEU G 98 -6.40 15.98 28.41
N SER G 99 -5.38 16.27 27.58
CA SER G 99 -4.83 15.35 26.59
C SER G 99 -4.13 14.26 27.40
N PRO G 100 -4.07 12.98 26.95
CA PRO G 100 -3.41 11.94 27.79
C PRO G 100 -2.07 12.35 28.41
N THR G 101 -1.28 13.17 27.67
CA THR G 101 0.05 13.71 28.01
C THR G 101 0.05 14.57 29.28
N GLU G 102 -0.93 15.51 29.40
CA GLU G 102 -1.09 16.45 30.53
C GLU G 102 -1.34 15.73 31.86
N VAL G 103 -1.95 14.51 31.82
CA VAL G 103 -2.25 13.67 33.00
C VAL G 103 -0.94 13.12 33.63
N GLN G 104 0.05 12.78 32.78
CA GLN G 104 1.38 12.29 33.18
C GLN G 104 2.20 13.40 33.86
N GLN G 105 2.17 14.64 33.31
CA GLN G 105 2.86 15.83 33.83
C GLN G 105 2.35 16.22 35.24
N MET G 106 1.13 15.78 35.62
CA MET G 106 0.53 16.06 36.92
C MET G 106 1.27 15.31 38.03
N SER G 107 1.40 13.99 37.88
CA SER G 107 2.09 13.09 38.83
C SER G 107 3.61 13.38 38.89
N GLU G 108 4.26 13.49 37.71
CA GLU G 108 5.69 13.78 37.58
C GLU G 108 5.92 15.28 37.78
N ARG H 18 2.03 -36.36 -11.18
CA ARG H 18 3.26 -35.59 -11.12
C ARG H 18 3.87 -35.47 -9.70
N THR H 19 4.00 -36.62 -8.97
CA THR H 19 4.53 -36.79 -7.59
C THR H 19 5.89 -36.11 -7.29
N TYR H 20 6.72 -35.88 -8.34
CA TYR H 20 8.03 -35.24 -8.24
C TYR H 20 7.97 -33.74 -8.56
N THR H 21 8.80 -32.95 -7.86
CA THR H 21 8.86 -31.52 -7.97
C THR H 21 9.94 -31.08 -8.96
N LYS H 22 9.52 -30.27 -10.00
CA LYS H 22 10.41 -29.70 -11.02
C LYS H 22 11.30 -28.70 -10.34
N VAL H 23 12.57 -28.63 -10.75
CA VAL H 23 13.57 -27.70 -10.27
C VAL H 23 14.18 -27.03 -11.51
N GLN H 24 14.16 -25.68 -11.55
CA GLN H 24 14.61 -24.93 -12.71
C GLN H 24 15.59 -23.79 -12.49
N LYS H 25 16.39 -23.48 -13.53
CA LYS H 25 17.37 -22.39 -13.62
C LYS H 25 17.50 -22.01 -15.09
N THR H 26 17.52 -20.70 -15.39
CA THR H 26 17.62 -20.19 -16.77
C THR H 26 18.94 -20.58 -17.42
N GLY H 27 18.84 -21.13 -18.62
CA GLY H 27 20.00 -21.62 -19.35
C GLY H 27 20.54 -22.88 -18.72
N SER H 28 19.70 -23.59 -17.97
CA SER H 28 20.11 -24.84 -17.38
C SER H 28 19.04 -25.88 -17.62
N VAL H 29 19.46 -27.12 -18.02
CA VAL H 29 18.53 -28.22 -18.23
C VAL H 29 17.87 -28.46 -16.87
N GLY H 30 16.54 -28.40 -16.86
CA GLY H 30 15.72 -28.58 -15.68
C GLY H 30 15.83 -29.97 -15.11
N ARG H 31 15.64 -30.08 -13.79
CA ARG H 31 15.69 -31.35 -13.08
CA ARG H 31 15.71 -31.36 -13.08
C ARG H 31 14.39 -31.59 -12.34
N SER H 32 14.20 -32.81 -11.82
CA SER H 32 12.98 -33.16 -11.12
C SER H 32 13.41 -33.87 -9.83
N ILE H 33 12.92 -33.42 -8.66
CA ILE H 33 13.32 -33.95 -7.36
C ILE H 33 12.16 -34.54 -6.53
N ASP H 34 12.47 -35.32 -5.48
CA ASP H 34 11.45 -35.85 -4.58
C ASP H 34 11.65 -35.20 -3.24
N VAL H 35 11.00 -34.03 -3.02
CA VAL H 35 11.05 -33.24 -1.79
C VAL H 35 10.87 -34.09 -0.51
N THR H 36 10.06 -35.16 -0.61
CA THR H 36 9.77 -36.09 0.48
C THR H 36 10.98 -36.96 0.88
N SER H 37 12.07 -36.99 0.07
CA SER H 37 13.29 -37.72 0.40
C SER H 37 14.24 -36.89 1.32
N PHE H 38 13.78 -35.68 1.74
CA PHE H 38 14.51 -34.75 2.61
C PHE H 38 13.73 -34.44 3.89
N LYS H 39 14.47 -34.25 4.99
CA LYS H 39 13.97 -33.97 6.32
C LYS H 39 13.75 -32.48 6.56
N ASP H 40 14.53 -31.61 5.87
CA ASP H 40 14.42 -30.16 6.06
C ASP H 40 14.86 -29.36 4.82
N TYR H 41 14.76 -28.00 4.88
CA TYR H 41 15.14 -27.08 3.80
C TYR H 41 16.62 -27.09 3.48
N GLU H 42 17.51 -27.22 4.51
CA GLU H 42 18.96 -27.22 4.31
C GLU H 42 19.46 -28.47 3.59
N GLU H 43 18.68 -29.57 3.71
CA GLU H 43 18.91 -30.80 2.97
C GLU H 43 18.48 -30.58 1.52
N LEU H 44 17.35 -29.85 1.32
CA LEU H 44 16.81 -29.51 0.01
C LEU H 44 17.71 -28.55 -0.75
N LYS H 45 18.15 -27.44 -0.11
CA LYS H 45 19.04 -26.44 -0.70
C LYS H 45 20.36 -27.08 -1.13
N SER H 46 20.91 -28.00 -0.32
CA SER H 46 22.17 -28.68 -0.65
C SER H 46 22.05 -29.64 -1.85
N ALA H 47 20.89 -30.32 -1.97
CA ALA H 47 20.59 -31.23 -3.08
C ALA H 47 20.54 -30.45 -4.38
N ILE H 48 19.82 -29.29 -4.38
CA ILE H 48 19.65 -28.38 -5.53
C ILE H 48 20.99 -27.77 -5.98
N GLU H 49 21.83 -27.34 -5.02
CA GLU H 49 23.19 -26.81 -5.22
C GLU H 49 24.05 -27.83 -5.99
N CYS H 50 24.10 -29.08 -5.51
CA CYS H 50 24.89 -30.15 -6.13
C CYS H 50 24.45 -30.40 -7.56
N MET H 51 23.13 -30.53 -7.74
CA MET H 51 22.48 -30.78 -9.02
C MET H 51 22.88 -29.75 -10.07
N PHE H 52 22.96 -28.47 -9.66
CA PHE H 52 23.25 -27.35 -10.54
C PHE H 52 24.65 -26.73 -10.38
N GLY H 53 25.51 -27.37 -9.59
CA GLY H 53 26.88 -26.89 -9.33
C GLY H 53 27.00 -25.53 -8.65
N LEU H 54 25.93 -25.08 -7.97
CA LEU H 54 25.88 -23.80 -7.25
C LEU H 54 26.32 -24.01 -5.77
N GLU H 55 27.22 -24.98 -5.52
CA GLU H 55 27.75 -25.35 -4.19
C GLU H 55 28.04 -24.15 -3.32
N GLY H 56 27.52 -24.22 -2.09
CA GLY H 56 27.67 -23.20 -1.05
C GLY H 56 26.91 -21.90 -1.22
N LEU H 57 26.26 -21.69 -2.38
CA LEU H 57 25.57 -20.44 -2.71
C LEU H 57 24.09 -20.35 -2.34
N LEU H 58 23.43 -21.48 -2.07
CA LEU H 58 22.04 -21.50 -1.62
C LEU H 58 22.02 -21.66 -0.09
N THR H 59 22.99 -22.40 0.48
CA THR H 59 23.12 -22.62 1.92
C THR H 59 23.82 -21.43 2.64
N HIS H 60 24.81 -20.80 1.98
CA HIS H 60 25.54 -19.63 2.50
C HIS H 60 25.45 -18.38 1.60
N PRO H 61 24.29 -17.65 1.59
CA PRO H 61 24.19 -16.43 0.73
C PRO H 61 25.09 -15.27 1.19
N GLY H 65 20.96 -11.37 -3.46
CA GLY H 65 20.51 -11.43 -4.85
C GLY H 65 19.94 -12.77 -5.30
N TRP H 66 20.71 -13.87 -5.11
CA TRP H 66 20.27 -15.22 -5.52
C TRP H 66 19.20 -15.84 -4.65
N LYS H 67 18.04 -16.04 -5.24
CA LYS H 67 16.89 -16.55 -4.51
C LYS H 67 16.39 -17.90 -5.00
N LEU H 68 15.93 -18.72 -4.06
CA LEU H 68 15.29 -19.97 -4.38
C LEU H 68 13.83 -19.75 -4.03
N VAL H 69 12.98 -19.71 -5.08
CA VAL H 69 11.52 -19.49 -4.97
C VAL H 69 10.80 -20.74 -5.41
N TYR H 70 9.50 -20.80 -5.16
CA TYR H 70 8.64 -21.90 -5.56
C TYR H 70 7.24 -21.43 -5.94
N VAL H 71 6.57 -22.20 -6.79
CA VAL H 71 5.19 -21.99 -7.19
C VAL H 71 4.38 -23.00 -6.39
N ASP H 72 3.35 -22.51 -5.69
CA ASP H 72 2.53 -23.44 -4.94
C ASP H 72 1.32 -23.94 -5.73
N TYR H 73 0.44 -24.68 -5.06
CA TYR H 73 -0.76 -25.29 -5.60
C TYR H 73 -1.81 -24.26 -6.02
N GLU H 74 -1.77 -23.06 -5.43
CA GLU H 74 -2.69 -21.97 -5.75
C GLU H 74 -2.03 -21.04 -6.79
N SER H 75 -0.93 -21.52 -7.43
CA SER H 75 -0.16 -20.87 -8.51
C SER H 75 0.60 -19.60 -8.12
N ASP H 76 0.87 -19.44 -6.82
CA ASP H 76 1.55 -18.29 -6.23
C ASP H 76 3.08 -18.47 -6.17
N VAL H 77 3.87 -17.40 -6.45
CA VAL H 77 5.33 -17.45 -6.35
C VAL H 77 5.72 -16.97 -4.95
N LEU H 78 6.27 -17.91 -4.14
CA LEU H 78 6.66 -17.64 -2.76
C LEU H 78 8.13 -17.96 -2.56
N LEU H 79 8.73 -17.37 -1.51
CA LEU H 79 10.13 -17.61 -1.13
C LEU H 79 10.22 -18.94 -0.38
N VAL H 80 11.05 -19.87 -0.87
CA VAL H 80 11.26 -21.17 -0.23
C VAL H 80 11.88 -20.91 1.15
N GLY H 81 11.24 -21.43 2.21
CA GLY H 81 11.80 -21.31 3.54
C GLY H 81 10.93 -20.76 4.65
N ASP H 82 9.88 -19.96 4.31
CA ASP H 82 9.01 -19.30 5.32
C ASP H 82 8.09 -20.24 6.04
N ASP H 83 7.44 -21.11 5.29
CA ASP H 83 6.51 -22.06 5.82
C ASP H 83 7.19 -23.14 6.64
N PRO H 84 6.43 -23.85 7.53
CA PRO H 84 7.00 -25.01 8.22
C PRO H 84 7.25 -26.15 7.22
N TRP H 85 8.31 -26.97 7.40
CA TRP H 85 8.65 -28.04 6.44
C TRP H 85 7.54 -28.97 5.95
N GLU H 86 6.79 -29.63 6.84
CA GLU H 86 5.72 -30.54 6.41
C GLU H 86 4.56 -29.85 5.67
N GLU H 87 4.48 -28.52 5.77
CA GLU H 87 3.47 -27.71 5.11
C GLU H 87 3.92 -27.43 3.68
N PHE H 88 5.19 -27.02 3.52
CA PHE H 88 5.83 -26.80 2.24
C PHE H 88 5.76 -28.08 1.39
N VAL H 89 6.14 -29.23 1.97
CA VAL H 89 6.13 -30.53 1.30
C VAL H 89 4.81 -30.81 0.53
N GLY H 90 3.68 -30.45 1.12
CA GLY H 90 2.38 -30.64 0.49
C GLY H 90 2.00 -29.60 -0.54
N CYS H 91 2.46 -28.34 -0.34
CA CYS H 91 2.12 -27.20 -1.21
C CYS H 91 2.90 -27.03 -2.48
N VAL H 92 4.23 -27.24 -2.44
CA VAL H 92 5.18 -27.09 -3.54
C VAL H 92 4.77 -27.79 -4.85
N ARG H 93 4.84 -27.09 -6.00
CA ARG H 93 4.54 -27.68 -7.30
C ARG H 93 5.84 -27.64 -8.13
N CYS H 94 6.57 -26.51 -8.07
CA CYS H 94 7.89 -26.41 -8.69
C CYS H 94 8.75 -25.37 -8.07
N ILE H 95 10.05 -25.59 -8.12
CA ILE H 95 11.05 -24.70 -7.53
C ILE H 95 11.83 -24.09 -8.67
N ARG H 96 12.39 -22.88 -8.46
CA ARG H 96 13.20 -22.11 -9.42
C ARG H 96 14.31 -21.38 -8.70
N ILE H 97 15.52 -21.40 -9.32
CA ILE H 97 16.69 -20.67 -8.85
C ILE H 97 16.77 -19.36 -9.66
N LEU H 98 16.49 -18.24 -8.98
CA LEU H 98 16.50 -16.90 -9.58
C LEU H 98 17.80 -16.18 -9.39
N SER H 99 18.24 -15.52 -10.48
CA SER H 99 19.43 -14.68 -10.57
C SER H 99 19.03 -13.28 -10.05
N PRO H 100 19.97 -12.40 -9.64
CA PRO H 100 19.53 -11.08 -9.12
C PRO H 100 18.82 -10.26 -10.20
N THR H 101 19.18 -10.58 -11.47
CA THR H 101 18.74 -10.01 -12.72
C THR H 101 17.30 -10.41 -13.04
N GLU H 102 16.89 -11.65 -12.66
CA GLU H 102 15.56 -12.26 -12.87
C GLU H 102 14.56 -11.76 -11.83
N VAL H 103 15.07 -11.49 -10.62
CA VAL H 103 14.34 -10.94 -9.48
C VAL H 103 13.79 -9.56 -9.88
N GLN H 104 14.66 -8.71 -10.48
CA GLN H 104 14.36 -7.36 -10.93
C GLN H 104 13.27 -7.40 -12.03
N GLN H 105 13.43 -8.32 -13.00
CA GLN H 105 12.52 -8.50 -14.15
C GLN H 105 11.01 -8.56 -13.84
N MET H 106 10.60 -9.16 -12.72
CA MET H 106 9.18 -9.21 -12.39
C MET H 106 8.70 -7.96 -11.62
N GLY H 110 5.00 -8.58 -19.38
CA GLY H 110 3.94 -7.88 -18.67
C GLY H 110 2.55 -8.07 -19.25
N MET H 111 1.63 -8.61 -18.41
CA MET H 111 0.23 -8.84 -18.77
C MET H 111 -0.61 -7.60 -18.39
N LYS H 112 -0.82 -7.38 -17.06
CA LYS H 112 -1.53 -6.23 -16.46
C LYS H 112 -0.72 -4.91 -16.60
N LEU H 113 0.60 -5.01 -16.93
CA LEU H 113 1.55 -3.88 -17.06
C LEU H 113 1.17 -2.86 -18.13
N LEU H 114 0.51 -3.35 -19.21
CA LEU H 114 0.08 -2.55 -20.33
C LEU H 114 -1.05 -1.61 -20.01
N ASN H 115 -1.81 -1.85 -18.93
CA ASN H 115 -2.90 -0.97 -18.46
C ASN H 115 -2.38 0.47 -18.09
N SER H 116 -1.14 0.56 -17.50
CA SER H 116 -0.51 1.78 -16.97
C SER H 116 0.73 2.36 -17.68
N ALA H 117 1.54 1.50 -18.32
CA ALA H 117 2.80 1.87 -18.97
C ALA H 117 2.74 1.71 -20.50
N GLY H 118 3.32 2.68 -21.24
CA GLY H 118 3.36 2.69 -22.70
C GLY H 118 4.16 1.54 -23.32
N ILE H 119 3.90 1.21 -24.61
CA ILE H 119 4.57 0.15 -25.41
C ILE H 119 6.10 0.38 -25.44
N ASN H 120 6.54 1.59 -25.85
CA ASN H 120 7.92 2.05 -25.91
C ASN H 120 8.29 2.85 -24.58
N ASP H 121 7.83 2.33 -23.39
CA ASP H 121 7.94 2.83 -21.99
C ASP H 121 8.33 4.32 -21.81
#